data_3D6X
#
_entry.id   3D6X
#
_cell.length_a   88.589
_cell.length_b   93.403
_cell.length_c   126.631
_cell.angle_alpha   90.00
_cell.angle_beta   90.00
_cell.angle_gamma   90.00
#
_symmetry.space_group_name_H-M   'P 21 21 21'
#
loop_
_entity.id
_entity.type
_entity.pdbx_description
1 polymer '(3R)-hydroxymyristoyl-[acyl-carrier-protein] dehydratase'
2 water water
#
_entity_poly.entity_id   1
_entity_poly.type   'polypeptide(L)'
_entity_poly.pdbx_seq_one_letter_code
;(MSE)IDV(MSE)QIQEILPHRYPFLLVDKITELKVKEVVLGYKNISISDHVF(MSE)GHFPGHPIYPGVLILEG(MSE)
AQTGGVLAFES(MSE)EDKVDPKSKVVYFTGIDGAKFRNPVRPGDRLDYE(MSE)SVVKNRGN(MSE)WIFKGQAFVDGN
LVAEAELKA(MSE)IVDK
;
_entity_poly.pdbx_strand_id   A,B,C,D,E,F
#
# COMPACT_ATOMS: atom_id res chain seq x y z
N ILE A 2 25.61 -8.08 10.74
CA ILE A 2 24.38 -8.83 10.44
C ILE A 2 23.53 -8.18 9.36
N ASP A 3 23.22 -8.92 8.29
CA ASP A 3 22.38 -8.36 7.22
C ASP A 3 20.87 -8.52 7.49
N VAL A 4 20.05 -7.91 6.64
CA VAL A 4 18.62 -7.86 6.95
C VAL A 4 17.89 -9.20 6.98
N GLN A 6 19.21 -11.93 7.97
CA GLN A 6 19.64 -12.48 9.24
C GLN A 6 18.89 -11.82 10.38
N ILE A 7 18.86 -10.49 10.39
CA ILE A 7 18.04 -9.79 11.36
C ILE A 7 16.67 -10.46 11.39
N GLN A 8 16.05 -10.58 10.22
CA GLN A 8 14.72 -11.17 10.14
C GLN A 8 14.60 -12.59 10.72
N GLU A 9 15.71 -13.31 10.80
CA GLU A 9 15.73 -14.63 11.42
C GLU A 9 15.72 -14.53 12.97
N ILE A 10 15.91 -13.31 13.47
CA ILE A 10 16.02 -13.05 14.90
C ILE A 10 14.83 -12.29 15.40
N LEU A 11 14.57 -11.12 14.79
CA LEU A 11 13.36 -10.34 15.11
C LEU A 11 12.18 -10.90 14.34
N PRO A 12 10.98 -10.87 14.95
CA PRO A 12 9.74 -11.24 14.27
C PRO A 12 9.19 -10.12 13.38
N HIS A 13 9.69 -8.89 13.52
CA HIS A 13 9.15 -7.78 12.77
C HIS A 13 9.30 -7.98 11.27
N ARG A 14 8.31 -7.55 10.52
CA ARG A 14 8.37 -7.65 9.07
C ARG A 14 7.94 -6.34 8.44
N TYR A 15 8.20 -6.18 7.15
CA TYR A 15 7.69 -4.99 6.46
C TYR A 15 6.18 -4.99 6.67
N PRO A 16 5.59 -3.81 6.90
CA PRO A 16 6.12 -2.47 6.89
C PRO A 16 6.52 -1.93 8.26
N PHE A 17 6.90 -2.78 9.20
CA PHE A 17 7.35 -2.25 10.47
C PHE A 17 8.73 -2.83 10.87
N LEU A 18 9.60 -3.07 9.88
CA LEU A 18 10.96 -3.51 10.11
C LEU A 18 11.83 -2.31 9.82
N LEU A 19 12.39 -1.68 10.86
CA LEU A 19 13.05 -0.37 10.71
C LEU A 19 14.56 -0.42 10.92
N VAL A 20 15.14 -1.60 10.70
CA VAL A 20 16.60 -1.73 10.64
C VAL A 20 17.02 -2.42 9.38
N ASP A 21 17.87 -1.78 8.57
CA ASP A 21 18.30 -2.39 7.33
C ASP A 21 19.53 -3.25 7.52
N LYS A 22 20.38 -2.92 8.50
CA LYS A 22 21.64 -3.63 8.66
C LYS A 22 22.27 -3.34 10.03
N ILE A 23 22.88 -4.36 10.63
CA ILE A 23 23.65 -4.20 11.86
C ILE A 23 25.12 -4.24 11.48
N THR A 24 25.86 -3.17 11.78
CA THR A 24 27.28 -3.11 11.39
C THR A 24 28.23 -3.60 12.48
N GLU A 25 27.80 -3.50 13.74
CA GLU A 25 28.64 -3.96 14.84
C GLU A 25 27.79 -4.43 16.00
N LEU A 26 28.21 -5.52 16.62
CA LEU A 26 27.49 -6.13 17.72
C LEU A 26 28.49 -6.75 18.70
N LYS A 27 28.61 -6.15 19.88
CA LYS A 27 29.40 -6.73 20.94
C LYS A 27 28.46 -7.19 22.07
N VAL A 28 28.42 -8.50 22.28
CA VAL A 28 27.49 -9.14 23.21
C VAL A 28 27.44 -8.47 24.59
N LYS A 29 26.22 -8.22 25.07
CA LYS A 29 26.01 -7.70 26.41
C LYS A 29 26.57 -6.29 26.59
N GLU A 30 26.86 -5.62 25.47
CA GLU A 30 27.55 -4.33 25.54
C GLU A 30 26.96 -3.25 24.63
N VAL A 31 27.17 -3.41 23.34
CA VAL A 31 26.72 -2.37 22.41
C VAL A 31 26.34 -2.95 21.07
N VAL A 32 25.41 -2.28 20.38
CA VAL A 32 25.10 -2.61 19.00
C VAL A 32 25.02 -1.36 18.15
N LEU A 33 25.55 -1.45 16.94
CA LEU A 33 25.41 -0.38 15.95
C LEU A 33 24.73 -0.91 14.69
N GLY A 34 23.73 -0.19 14.23
CA GLY A 34 23.08 -0.52 12.96
C GLY A 34 22.43 0.70 12.35
N TYR A 35 21.84 0.55 11.17
CA TYR A 35 21.23 1.70 10.54
C TYR A 35 19.99 1.40 9.70
N LYS A 36 19.27 2.46 9.34
CA LYS A 36 18.18 2.38 8.35
C LYS A 36 18.41 3.42 7.26
N ASN A 37 18.34 3.00 6.01
CA ASN A 37 18.32 3.95 4.90
C ASN A 37 16.98 4.65 4.84
N ILE A 38 16.97 5.98 4.76
CA ILE A 38 15.74 6.72 4.61
C ILE A 38 15.56 7.25 3.18
N SER A 39 14.41 6.97 2.59
CA SER A 39 14.19 7.21 1.14
C SER A 39 12.74 7.65 0.88
N ILE A 40 12.45 8.46 -0.15
CA ILE A 40 11.03 8.76 -0.38
C ILE A 40 10.28 7.57 -0.91
N SER A 41 10.95 6.46 -1.14
CA SER A 41 10.20 5.26 -1.52
C SER A 41 9.44 4.69 -0.29
N ASP A 42 9.64 5.34 0.84
CA ASP A 42 9.04 4.95 2.10
C ASP A 42 7.60 5.46 2.18
N HIS A 43 6.65 4.56 2.45
CA HIS A 43 5.25 4.97 2.54
C HIS A 43 4.98 6.08 3.59
N VAL A 44 5.77 6.18 4.66
CA VAL A 44 5.45 7.19 5.68
C VAL A 44 5.37 8.59 5.10
N PHE A 45 6.23 8.88 4.14
CA PHE A 45 6.32 10.26 3.64
C PHE A 45 5.12 10.67 2.83
N GLY A 47 2.25 10.68 3.93
CA GLY A 47 1.36 11.37 4.86
C GLY A 47 2.06 12.12 5.98
N HIS A 48 3.32 11.79 6.21
CA HIS A 48 4.08 12.54 7.19
C HIS A 48 4.78 13.69 6.45
N PHE A 49 3.86 14.38 5.80
CA PHE A 49 3.85 15.76 5.34
C PHE A 49 4.04 15.85 3.88
N PRO A 50 2.91 15.85 3.18
CA PRO A 50 2.73 16.16 1.79
C PRO A 50 3.52 17.42 1.50
N GLY A 51 4.41 17.35 0.52
CA GLY A 51 5.26 18.50 0.22
C GLY A 51 6.31 18.82 1.27
N HIS A 52 6.47 17.97 2.28
CA HIS A 52 7.49 18.19 3.30
C HIS A 52 7.85 16.94 4.08
N PRO A 53 8.60 16.02 3.44
CA PRO A 53 8.91 14.74 4.03
C PRO A 53 9.83 14.80 5.25
N ILE A 54 9.30 14.41 6.39
CA ILE A 54 10.09 14.30 7.63
C ILE A 54 9.88 12.96 8.27
N TYR A 55 10.97 12.30 8.59
CA TYR A 55 10.85 10.97 9.21
C TYR A 55 10.27 11.09 10.63
N PRO A 56 9.16 10.41 10.90
CA PRO A 56 8.55 10.57 12.22
C PRO A 56 9.51 10.21 13.38
N GLY A 57 9.67 11.13 14.34
CA GLY A 57 10.45 10.87 15.54
C GLY A 57 10.18 9.54 16.21
N VAL A 58 8.92 9.21 16.45
CA VAL A 58 8.65 7.97 17.15
C VAL A 58 9.18 6.76 16.41
N LEU A 59 9.27 6.82 15.08
CA LEU A 59 9.84 5.68 14.37
C LEU A 59 11.36 5.58 14.60
N ILE A 60 12.03 6.71 14.86
CA ILE A 60 13.44 6.59 15.19
C ILE A 60 13.59 5.79 16.47
N LEU A 61 12.79 6.10 17.48
CA LEU A 61 12.81 5.31 18.72
C LEU A 61 12.55 3.82 18.45
N GLU A 62 11.60 3.51 17.58
CA GLU A 62 11.30 2.11 17.30
C GLU A 62 12.49 1.40 16.68
N GLY A 63 13.21 2.14 15.81
CA GLY A 63 14.41 1.61 15.15
C GLY A 63 15.48 1.31 16.19
N ALA A 65 14.89 0.66 19.26
CA ALA A 65 14.41 -0.45 20.04
C ALA A 65 14.67 -1.78 19.33
N GLN A 66 14.54 -1.76 18.01
CA GLN A 66 14.63 -3.01 17.27
C GLN A 66 16.08 -3.50 17.26
N THR A 67 17.00 -2.54 17.12
CA THR A 67 18.43 -2.84 17.15
C THR A 67 18.83 -3.42 18.50
N GLY A 68 18.32 -2.80 19.55
CA GLY A 68 18.51 -3.30 20.90
C GLY A 68 17.92 -4.68 21.03
N GLY A 69 16.84 -4.94 20.30
CA GLY A 69 16.24 -6.25 20.34
C GLY A 69 17.24 -7.32 19.93
N VAL A 70 17.93 -7.08 18.81
CA VAL A 70 18.83 -8.09 18.30
C VAL A 70 19.99 -8.27 19.27
N LEU A 71 20.47 -7.18 19.86
CA LEU A 71 21.53 -7.28 20.85
C LEU A 71 21.06 -8.19 22.01
N ALA A 72 19.85 -7.93 22.49
CA ALA A 72 19.29 -8.75 23.57
C ALA A 72 19.26 -10.20 23.17
N PHE A 73 18.62 -10.47 22.05
CA PHE A 73 18.48 -11.83 21.54
C PHE A 73 19.81 -12.52 21.37
N GLU A 74 20.90 -11.78 21.11
CA GLU A 74 22.19 -12.44 20.91
C GLU A 74 22.95 -12.64 22.21
N SER A 75 22.33 -12.25 23.34
CA SER A 75 23.00 -12.25 24.63
C SER A 75 22.11 -12.82 25.71
N LYS A 83 16.05 -19.53 20.53
CA LYS A 83 15.56 -18.17 20.32
C LYS A 83 14.09 -18.15 20.00
N SER A 84 13.33 -18.94 20.76
CA SER A 84 11.88 -18.77 20.79
C SER A 84 11.47 -18.15 22.13
N LYS A 85 11.58 -16.82 22.20
CA LYS A 85 10.98 -15.99 23.28
C LYS A 85 11.03 -14.50 22.96
N VAL A 86 10.54 -13.64 23.84
CA VAL A 86 10.24 -12.30 23.34
C VAL A 86 10.87 -11.12 24.09
N VAL A 87 11.16 -10.06 23.34
CA VAL A 87 11.78 -8.88 23.91
C VAL A 87 10.81 -7.71 23.91
N TYR A 88 10.22 -7.44 25.07
CA TYR A 88 9.17 -6.46 25.24
C TYR A 88 9.79 -5.16 25.79
N PHE A 89 9.64 -4.06 25.05
CA PHE A 89 10.08 -2.76 25.56
C PHE A 89 8.99 -2.09 26.36
N THR A 90 9.19 -1.94 27.65
CA THR A 90 8.11 -1.45 28.47
C THR A 90 8.23 0.02 28.82
N GLY A 91 9.37 0.63 28.51
CA GLY A 91 9.62 2.01 28.89
C GLY A 91 10.61 2.79 28.04
N ILE A 92 10.32 4.08 27.88
CA ILE A 92 11.25 4.99 27.24
C ILE A 92 11.30 6.25 28.07
N ASP A 93 12.51 6.76 28.25
CA ASP A 93 12.71 7.92 29.09
C ASP A 93 13.76 8.91 28.58
N GLY A 94 13.59 10.17 28.93
CA GLY A 94 14.48 11.20 28.45
C GLY A 94 14.66 11.19 26.95
N ALA A 95 13.57 10.97 26.21
CA ALA A 95 13.65 10.96 24.76
C ALA A 95 13.66 12.38 24.27
N LYS A 96 14.61 12.68 23.38
CA LYS A 96 14.74 14.01 22.86
C LYS A 96 14.94 13.90 21.37
N PHE A 97 14.26 14.77 20.61
CA PHE A 97 14.50 14.88 19.18
C PHE A 97 15.17 16.20 18.84
N ARG A 98 16.23 16.10 18.05
CA ARG A 98 17.11 17.20 17.80
C ARG A 98 16.81 17.79 16.45
N ASN A 99 17.21 17.08 15.41
CA ASN A 99 17.03 17.62 14.09
C ASN A 99 16.19 16.69 13.30
N PRO A 100 15.54 17.22 12.27
CA PRO A 100 14.72 16.44 11.37
C PRO A 100 15.57 15.42 10.62
N VAL A 101 14.97 14.28 10.29
CA VAL A 101 15.58 13.29 9.41
C VAL A 101 14.81 13.34 8.10
N ARG A 102 15.52 13.34 6.97
CA ARG A 102 14.89 13.55 5.65
C ARG A 102 15.26 12.44 4.67
N PRO A 103 14.45 12.27 3.62
CA PRO A 103 14.80 11.32 2.58
C PRO A 103 16.22 11.59 2.14
N GLY A 104 17.01 10.54 1.97
CA GLY A 104 18.39 10.71 1.60
C GLY A 104 19.35 10.49 2.75
N ASP A 105 18.87 10.57 3.98
CA ASP A 105 19.71 10.36 5.16
C ASP A 105 19.95 8.89 5.45
N ARG A 106 21.16 8.56 5.86
CA ARG A 106 21.37 7.27 6.49
C ARG A 106 21.19 7.48 7.98
N LEU A 107 20.20 6.83 8.57
CA LEU A 107 19.89 7.02 9.99
C LEU A 107 20.62 6.00 10.86
N ASP A 108 21.68 6.43 11.54
CA ASP A 108 22.51 5.52 12.32
C ASP A 108 22.05 5.35 13.79
N TYR A 109 21.87 4.08 14.19
CA TYR A 109 21.44 3.77 15.53
C TYR A 109 22.61 3.33 16.37
N GLU A 110 22.63 3.75 17.64
CA GLU A 110 23.63 3.27 18.60
C GLU A 110 22.93 2.92 19.89
N SER A 112 23.71 1.19 23.65
CA SER A 112 24.59 0.68 24.69
C SER A 112 23.78 0.17 25.88
N VAL A 113 24.26 -0.89 26.51
CA VAL A 113 23.66 -1.42 27.71
C VAL A 113 24.15 -0.61 28.89
N VAL A 114 23.24 0.03 29.61
CA VAL A 114 23.59 0.76 30.81
C VAL A 114 23.45 -0.13 32.04
N LYS A 115 22.40 -0.94 32.03
CA LYS A 115 22.15 -1.92 33.10
C LYS A 115 21.64 -3.23 32.53
N ASN A 116 21.99 -4.32 33.18
CA ASN A 116 21.46 -5.62 32.86
C ASN A 116 21.23 -6.40 34.14
N ARG A 117 19.99 -6.81 34.38
CA ARG A 117 19.67 -7.52 35.61
C ARG A 117 18.69 -8.67 35.32
N GLY A 118 19.19 -9.89 35.38
CA GLY A 118 18.41 -11.04 34.93
C GLY A 118 17.74 -10.74 33.59
N ASN A 119 16.41 -10.66 33.64
CA ASN A 119 15.60 -10.46 32.43
C ASN A 119 15.34 -9.02 32.06
N TRP A 121 16.73 -5.16 30.79
CA TRP A 121 17.79 -4.46 30.10
C TRP A 121 17.47 -2.98 30.00
N ILE A 122 18.47 -2.14 30.23
CA ILE A 122 18.30 -0.71 30.08
C ILE A 122 19.35 -0.20 29.13
N PHE A 123 18.92 0.47 28.08
CA PHE A 123 19.84 0.94 27.07
C PHE A 123 19.89 2.44 26.99
N LYS A 124 21.08 2.94 26.70
CA LYS A 124 21.26 4.29 26.26
C LYS A 124 21.24 4.20 24.72
N GLY A 125 20.33 4.95 24.09
CA GLY A 125 20.21 4.94 22.65
C GLY A 125 20.37 6.32 22.05
N GLN A 126 21.05 6.35 20.90
CA GLN A 126 21.26 7.57 20.16
C GLN A 126 21.12 7.30 18.68
N ALA A 127 20.60 8.27 17.94
CA ALA A 127 20.52 8.16 16.50
C ALA A 127 21.26 9.32 15.84
N PHE A 128 22.02 9.02 14.80
CA PHE A 128 22.79 10.03 14.09
C PHE A 128 22.51 10.07 12.58
N VAL A 129 22.75 11.23 11.99
CA VAL A 129 22.81 11.41 10.55
C VAL A 129 24.04 12.20 10.26
N ASP A 130 25.04 11.57 9.63
CA ASP A 130 26.36 12.19 9.38
C ASP A 130 27.06 12.66 10.64
N GLY A 131 26.98 11.90 11.72
CA GLY A 131 27.60 12.31 12.97
C GLY A 131 26.86 13.41 13.74
N ASN A 132 25.68 13.76 13.28
CA ASN A 132 24.83 14.70 14.01
C ASN A 132 23.77 13.96 14.83
N LEU A 133 23.79 14.13 16.15
CA LEU A 133 22.77 13.56 17.02
C LEU A 133 21.39 14.04 16.56
N VAL A 134 20.46 13.13 16.35
CA VAL A 134 19.13 13.56 15.93
C VAL A 134 18.08 13.14 16.95
N ALA A 135 18.35 12.05 17.66
CA ALA A 135 17.47 11.57 18.70
C ALA A 135 18.24 10.82 19.80
N GLU A 136 17.66 10.79 20.99
CA GLU A 136 18.26 9.99 22.05
C GLU A 136 17.23 9.65 23.10
N ALA A 137 17.47 8.55 23.81
CA ALA A 137 16.54 8.10 24.82
C ALA A 137 17.12 6.93 25.60
N GLU A 138 16.52 6.65 26.75
CA GLU A 138 16.88 5.49 27.52
C GLU A 138 15.75 4.51 27.38
N LEU A 139 16.03 3.30 26.92
CA LEU A 139 14.94 2.33 26.71
C LEU A 139 15.03 1.20 27.69
N LYS A 140 13.90 0.83 28.26
CA LYS A 140 13.85 -0.31 29.17
C LYS A 140 13.17 -1.49 28.49
N ALA A 141 13.77 -2.67 28.60
CA ALA A 141 13.20 -3.88 28.00
C ALA A 141 13.11 -5.05 28.97
N ILE A 143 12.53 -9.54 28.94
CA ILE A 143 12.47 -10.73 28.08
C ILE A 143 11.45 -11.77 28.57
N VAL A 144 10.74 -12.42 27.65
CA VAL A 144 9.74 -13.43 28.00
C VAL A 144 9.74 -14.67 27.11
N ILE B 2 -14.61 17.42 17.51
CA ILE B 2 -14.07 17.54 16.16
C ILE B 2 -13.89 16.22 15.39
N ASP B 3 -14.46 16.13 14.19
CA ASP B 3 -14.31 14.95 13.35
C ASP B 3 -12.99 14.92 12.53
N VAL B 4 -12.78 13.86 11.75
CA VAL B 4 -11.52 13.71 11.01
C VAL B 4 -11.26 14.78 9.96
N GLN B 6 -12.04 17.75 10.10
CA GLN B 6 -11.74 18.97 10.81
C GLN B 6 -10.33 18.88 11.38
N ILE B 7 -9.99 17.73 11.93
CA ILE B 7 -8.64 17.52 12.40
C ILE B 7 -7.67 17.74 11.25
N GLN B 8 -8.00 17.19 10.10
CA GLN B 8 -7.14 17.42 8.98
C GLN B 8 -7.06 18.89 8.64
N GLU B 9 -7.97 19.70 9.13
CA GLU B 9 -7.85 21.15 8.86
C GLU B 9 -6.83 21.81 9.79
N ILE B 10 -6.57 21.15 10.90
CA ILE B 10 -5.66 21.66 11.93
C ILE B 10 -4.32 20.99 11.76
N LEU B 11 -4.30 19.66 11.81
CA LEU B 11 -3.07 18.91 11.69
C LEU B 11 -2.64 18.79 10.25
N PRO B 12 -1.33 18.81 9.97
CA PRO B 12 -0.88 18.59 8.59
C PRO B 12 -0.80 17.10 8.26
N HIS B 13 -0.85 16.26 9.26
CA HIS B 13 -0.73 14.82 9.06
C HIS B 13 -1.79 14.23 8.14
N ARG B 14 -1.38 13.31 7.28
CA ARG B 14 -2.29 12.57 6.44
C ARG B 14 -2.08 11.09 6.53
N TYR B 15 -3.00 10.31 6.00
CA TYR B 15 -2.79 8.87 5.91
C TYR B 15 -1.50 8.66 5.09
N PRO B 16 -0.65 7.70 5.49
CA PRO B 16 -0.76 6.69 6.54
C PRO B 16 -0.21 7.06 7.91
N PHE B 17 -0.18 8.32 8.26
CA PHE B 17 0.35 8.64 9.57
C PHE B 17 -0.57 9.61 10.33
N LEU B 18 -1.86 9.51 10.06
CA LEU B 18 -2.88 10.23 10.80
C LEU B 18 -3.44 9.27 11.83
N LEU B 19 -3.07 9.43 13.10
CA LEU B 19 -3.46 8.43 14.11
C LEU B 19 -4.53 8.87 15.11
N VAL B 20 -5.35 9.84 14.71
CA VAL B 20 -6.52 10.22 15.49
C VAL B 20 -7.77 10.20 14.62
N ASP B 21 -8.79 9.44 14.99
CA ASP B 21 -10.00 9.40 14.16
C ASP B 21 -11.02 10.45 14.57
N LYS B 22 -11.00 10.83 15.84
CA LYS B 22 -11.99 11.76 16.36
C LYS B 22 -11.51 12.38 17.66
N ILE B 23 -11.89 13.64 17.84
CA ILE B 23 -11.71 14.32 19.12
C ILE B 23 -13.06 14.51 19.77
N THR B 24 -13.23 13.92 20.95
CA THR B 24 -14.51 13.93 21.62
C THR B 24 -14.72 15.11 22.59
N GLU B 25 -13.64 15.64 23.14
CA GLU B 25 -13.71 16.69 24.16
C GLU B 25 -12.47 17.56 24.02
N LEU B 26 -12.65 18.86 24.13
CA LEU B 26 -11.51 19.76 24.04
C LEU B 26 -11.81 21.02 24.83
N LYS B 27 -11.08 21.20 25.93
CA LYS B 27 -11.16 22.39 26.76
C LYS B 27 -9.84 23.18 26.59
N VAL B 28 -9.91 24.36 25.99
CA VAL B 28 -8.70 25.10 25.60
C VAL B 28 -7.74 25.29 26.76
N LYS B 29 -6.45 25.14 26.47
CA LYS B 29 -5.40 25.34 27.47
C LYS B 29 -5.43 24.35 28.62
N GLU B 30 -6.21 23.28 28.47
CA GLU B 30 -6.43 22.39 29.60
C GLU B 30 -6.31 20.91 29.26
N VAL B 31 -7.27 20.38 28.53
CA VAL B 31 -7.33 18.96 28.31
C VAL B 31 -7.97 18.63 26.95
N VAL B 32 -7.51 17.56 26.31
CA VAL B 32 -8.15 17.05 25.11
C VAL B 32 -8.37 15.52 25.20
N LEU B 33 -9.54 15.09 24.78
CA LEU B 33 -9.89 13.68 24.68
C LEU B 33 -10.20 13.31 23.21
N GLY B 34 -9.56 12.27 22.72
CA GLY B 34 -9.83 11.78 21.37
C GLY B 34 -9.45 10.31 21.26
N TYR B 35 -9.81 9.66 20.16
CA TYR B 35 -9.47 8.23 20.03
C TYR B 35 -9.12 7.79 18.61
N LYS B 36 -8.54 6.60 18.51
CA LYS B 36 -8.32 5.96 17.23
C LYS B 36 -8.91 4.56 17.27
N ASN B 37 -9.69 4.22 16.24
CA ASN B 37 -10.19 2.88 16.06
C ASN B 37 -9.06 1.99 15.52
N ILE B 38 -8.84 0.85 16.16
CA ILE B 38 -7.81 -0.09 15.78
C ILE B 38 -8.47 -1.28 15.11
N SER B 39 -8.05 -1.58 13.88
CA SER B 39 -8.64 -2.67 13.10
C SER B 39 -7.61 -3.45 12.30
N ILE B 40 -7.85 -4.73 11.96
CA ILE B 40 -6.89 -5.42 11.05
C ILE B 40 -6.89 -4.84 9.63
N SER B 41 -7.73 -3.84 9.34
CA SER B 41 -7.60 -3.13 8.08
C SER B 41 -6.35 -2.25 8.04
N ASP B 42 -5.66 -2.20 9.16
CA ASP B 42 -4.56 -1.31 9.33
C ASP B 42 -3.29 -1.99 8.80
N HIS B 43 -2.57 -1.32 7.92
CA HIS B 43 -1.36 -1.92 7.31
C HIS B 43 -0.32 -2.32 8.38
N VAL B 44 -0.28 -1.66 9.54
CA VAL B 44 0.77 -2.05 10.50
C VAL B 44 0.75 -3.52 10.82
N PHE B 45 -0.42 -4.12 10.89
CA PHE B 45 -0.51 -5.47 11.39
C PHE B 45 0.04 -6.47 10.38
N GLY B 47 2.95 -6.54 9.39
CA GLY B 47 4.33 -6.77 9.73
C GLY B 47 4.59 -6.62 11.22
N HIS B 48 3.69 -5.96 11.95
CA HIS B 48 3.81 -5.96 13.39
C HIS B 48 3.09 -7.16 13.93
N PHE B 49 3.59 -8.25 13.36
CA PHE B 49 3.56 -9.62 13.83
C PHE B 49 2.55 -10.40 13.07
N PRO B 50 3.00 -11.00 11.97
CA PRO B 50 2.35 -12.06 11.23
C PRO B 50 1.82 -13.07 12.23
N GLY B 51 0.51 -13.32 12.17
CA GLY B 51 -0.14 -14.24 13.09
C GLY B 51 -0.23 -13.75 14.54
N HIS B 52 0.20 -12.52 14.79
CA HIS B 52 0.03 -11.93 16.13
C HIS B 52 -0.11 -10.39 16.11
N PRO B 53 -1.28 -9.90 15.74
CA PRO B 53 -1.41 -8.45 15.59
C PRO B 53 -1.33 -7.67 16.92
N ILE B 54 -0.33 -6.82 17.05
CA ILE B 54 -0.16 -5.96 18.22
C ILE B 54 0.13 -4.55 17.76
N TYR B 55 -0.69 -3.60 18.19
CA TYR B 55 -0.43 -2.18 17.87
C TYR B 55 0.88 -1.68 18.45
N PRO B 56 1.78 -1.21 17.61
CA PRO B 56 3.09 -0.76 18.07
C PRO B 56 3.00 0.36 19.13
N GLY B 57 3.65 0.16 20.27
CA GLY B 57 3.63 1.12 21.34
C GLY B 57 4.01 2.53 20.90
N VAL B 58 5.08 2.65 20.14
CA VAL B 58 5.46 3.98 19.65
C VAL B 58 4.34 4.72 18.90
N LEU B 59 3.43 3.99 18.28
CA LEU B 59 2.39 4.67 17.53
C LEU B 59 1.37 5.22 18.49
N ILE B 60 1.20 4.58 19.65
CA ILE B 60 0.30 5.11 20.64
C ILE B 60 0.85 6.44 21.12
N LEU B 61 2.15 6.53 21.36
CA LEU B 61 2.79 7.84 21.68
C LEU B 61 2.47 8.87 20.62
N GLU B 62 2.60 8.51 19.35
CA GLU B 62 2.38 9.52 18.30
C GLU B 62 0.90 9.97 18.24
N GLY B 63 -0.02 9.07 18.58
CA GLY B 63 -1.43 9.45 18.57
C GLY B 63 -1.70 10.41 19.71
N ALA B 65 0.47 12.41 20.84
CA ALA B 65 1.12 13.62 20.41
C ALA B 65 0.24 14.39 19.46
N GLN B 66 -0.41 13.67 18.53
CA GLN B 66 -1.21 14.37 17.51
C GLN B 66 -2.46 15.01 18.13
N THR B 67 -3.08 14.29 19.06
CA THR B 67 -4.16 14.85 19.86
C THR B 67 -3.72 16.16 20.56
N GLY B 68 -2.57 16.13 21.20
CA GLY B 68 -2.06 17.29 21.88
C GLY B 68 -1.76 18.41 20.92
N GLY B 69 -1.38 18.04 19.71
CA GLY B 69 -1.22 19.01 18.65
C GLY B 69 -2.48 19.84 18.50
N VAL B 70 -3.60 19.17 18.35
CA VAL B 70 -4.86 19.82 18.13
C VAL B 70 -5.14 20.81 19.26
N LEU B 71 -4.96 20.32 20.47
CA LEU B 71 -5.17 21.14 21.65
C LEU B 71 -4.31 22.39 21.57
N ALA B 72 -3.02 22.22 21.26
CA ALA B 72 -2.12 23.37 21.16
C ALA B 72 -2.59 24.33 20.08
N PHE B 73 -2.86 23.83 18.88
CA PHE B 73 -3.26 24.69 17.78
C PHE B 73 -4.56 25.40 18.14
N GLU B 74 -5.35 24.80 19.03
CA GLU B 74 -6.54 25.50 19.48
C GLU B 74 -6.31 26.37 20.70
N SER B 75 -5.06 26.49 21.16
CA SER B 75 -4.82 27.02 22.50
C SER B 75 -4.02 28.29 22.66
N GLU B 77 -3.23 32.58 21.26
CA GLU B 77 -4.04 33.77 20.94
C GLU B 77 -4.34 33.87 19.46
N PRO B 82 -4.36 32.84 15.22
CA PRO B 82 -4.04 32.54 13.81
C PRO B 82 -3.60 31.10 13.58
N LYS B 83 -3.06 30.87 12.40
CA LYS B 83 -2.43 29.58 12.09
C LYS B 83 -1.06 29.74 11.39
N SER B 84 -0.64 28.66 10.73
CA SER B 84 0.77 28.40 10.45
C SER B 84 1.76 28.98 11.45
N LYS B 85 1.65 28.37 12.62
CA LYS B 85 2.74 28.03 13.50
C LYS B 85 2.87 26.52 13.20
N VAL B 86 3.90 25.87 13.70
CA VAL B 86 4.01 24.41 13.64
C VAL B 86 4.24 23.93 15.09
N VAL B 87 3.83 22.71 15.42
CA VAL B 87 3.99 22.21 16.78
C VAL B 87 4.90 21.01 16.79
N TYR B 88 6.09 21.22 17.31
CA TYR B 88 7.16 20.25 17.28
C TYR B 88 7.24 19.62 18.66
N PHE B 89 7.12 18.30 18.73
CA PHE B 89 7.34 17.62 20.01
C PHE B 89 8.81 17.27 20.13
N THR B 90 9.45 17.86 21.12
CA THR B 90 10.88 17.71 21.24
C THR B 90 11.29 16.69 22.29
N GLY B 91 10.36 16.27 23.12
CA GLY B 91 10.70 15.35 24.19
C GLY B 91 9.59 14.45 24.66
N ILE B 92 9.98 13.28 25.14
CA ILE B 92 9.06 12.34 25.75
C ILE B 92 9.73 11.75 26.96
N ASP B 93 8.98 11.65 28.06
CA ASP B 93 9.54 11.21 29.34
C ASP B 93 8.63 10.25 30.09
N GLY B 94 9.23 9.37 30.87
CA GLY B 94 8.49 8.41 31.67
C GLY B 94 7.39 7.73 30.88
N ALA B 95 7.72 7.29 29.66
CA ALA B 95 6.73 6.62 28.85
C ALA B 95 6.71 5.17 29.24
N LYS B 96 5.50 4.63 29.43
CA LYS B 96 5.35 3.28 29.92
C LYS B 96 4.31 2.60 29.13
N PHE B 97 4.58 1.35 28.74
CA PHE B 97 3.58 0.54 28.05
C PHE B 97 3.10 -0.56 28.95
N ARG B 98 1.78 -0.65 29.08
CA ARG B 98 1.13 -1.50 30.06
C ARG B 98 0.63 -2.79 29.40
N ASN B 99 -0.39 -2.65 28.57
CA ASN B 99 -1.02 -3.80 27.97
C ASN B 99 -1.05 -3.66 26.46
N PRO B 100 -1.03 -4.80 25.76
CA PRO B 100 -1.10 -4.80 24.31
C PRO B 100 -2.41 -4.20 23.85
N VAL B 101 -2.36 -3.55 22.71
CA VAL B 101 -3.53 -3.03 22.06
C VAL B 101 -3.73 -3.87 20.81
N ARG B 102 -4.96 -4.31 20.56
CA ARG B 102 -5.24 -5.30 19.54
C ARG B 102 -6.33 -4.85 18.60
N PRO B 103 -6.37 -5.43 17.40
CA PRO B 103 -7.46 -5.16 16.48
C PRO B 103 -8.79 -5.32 17.25
N GLY B 104 -9.74 -4.42 17.05
CA GLY B 104 -10.99 -4.50 17.78
C GLY B 104 -11.08 -3.45 18.88
N ASP B 105 -9.92 -2.98 19.35
CA ASP B 105 -9.87 -2.04 20.43
C ASP B 105 -10.17 -0.61 19.99
N ARG B 106 -10.94 0.11 20.81
CA ARG B 106 -10.95 1.57 20.67
C ARG B 106 -9.83 2.14 21.54
N LEU B 107 -8.84 2.79 20.92
CA LEU B 107 -7.71 3.32 21.69
C LEU B 107 -7.98 4.77 22.08
N ASP B 108 -8.24 4.97 23.37
CA ASP B 108 -8.64 6.26 23.89
C ASP B 108 -7.43 7.14 24.32
N TYR B 109 -7.32 8.35 23.78
CA TYR B 109 -6.26 9.26 24.20
C TYR B 109 -6.73 10.33 25.17
N GLU B 110 -5.90 10.64 26.16
CA GLU B 110 -6.16 11.74 27.08
C GLU B 110 -4.90 12.55 27.22
N SER B 112 -3.60 16.07 29.10
CA SER B 112 -3.77 17.29 29.87
C SER B 112 -2.49 18.10 29.97
N VAL B 113 -2.65 19.40 30.01
CA VAL B 113 -1.59 20.37 30.10
C VAL B 113 -1.09 20.38 31.52
N VAL B 114 0.17 20.05 31.75
CA VAL B 114 0.71 20.19 33.10
C VAL B 114 1.43 21.54 33.29
N LYS B 115 2.05 22.03 32.22
CA LYS B 115 2.70 23.32 32.25
C LYS B 115 2.57 23.99 30.89
N ASN B 116 2.43 25.31 30.91
CA ASN B 116 2.45 26.08 29.68
C ASN B 116 3.26 27.34 29.90
N ARG B 117 4.26 27.57 29.06
CA ARG B 117 5.09 28.76 29.22
C ARG B 117 5.47 29.35 27.88
N GLY B 118 4.90 30.51 27.57
CA GLY B 118 4.99 31.05 26.21
C GLY B 118 4.74 29.96 25.17
N ASN B 119 5.77 29.65 24.41
CA ASN B 119 5.65 28.70 23.33
C ASN B 119 6.00 27.26 23.70
N TRP B 121 4.95 23.69 25.80
CA TRP B 121 3.84 22.97 26.40
C TRP B 121 4.33 21.65 26.96
N ILE B 122 3.78 21.25 28.10
CA ILE B 122 4.13 19.98 28.69
C ILE B 122 2.85 19.25 29.06
N PHE B 123 2.68 18.05 28.51
CA PHE B 123 1.44 17.32 28.67
C PHE B 123 1.64 16.03 29.45
N LYS B 124 0.64 15.70 30.26
CA LYS B 124 0.52 14.35 30.80
C LYS B 124 -0.38 13.63 29.81
N GLY B 125 0.10 12.53 29.27
CA GLY B 125 -0.68 11.73 28.33
C GLY B 125 -0.92 10.31 28.80
N GLN B 126 -2.11 9.81 28.48
CA GLN B 126 -2.51 8.46 28.86
C GLN B 126 -3.39 7.88 27.77
N ALA B 127 -3.20 6.61 27.45
CA ALA B 127 -4.08 5.96 26.47
C ALA B 127 -4.81 4.76 27.14
N PHE B 128 -6.07 4.56 26.78
CA PHE B 128 -6.91 3.59 27.45
C PHE B 128 -7.61 2.71 26.44
N VAL B 129 -8.00 1.53 26.91
CA VAL B 129 -8.86 0.64 26.17
C VAL B 129 -9.82 0.03 27.18
N ASP B 130 -11.10 0.38 27.00
CA ASP B 130 -12.14 0.05 27.97
C ASP B 130 -11.77 0.43 29.39
N GLY B 131 -11.12 1.58 29.54
CA GLY B 131 -10.80 2.12 30.85
C GLY B 131 -9.56 1.49 31.44
N ASN B 132 -8.88 0.67 30.68
CA ASN B 132 -7.62 0.15 31.14
C ASN B 132 -6.45 0.95 30.56
N LEU B 133 -5.61 1.49 31.45
CA LEU B 133 -4.44 2.23 31.00
C LEU B 133 -3.56 1.29 30.21
N VAL B 134 -3.18 1.70 29.02
CA VAL B 134 -2.30 0.88 28.19
C VAL B 134 -0.95 1.56 27.99
N ALA B 135 -0.95 2.88 28.04
CA ALA B 135 0.30 3.61 27.95
C ALA B 135 0.21 5.00 28.56
N GLU B 136 1.35 5.55 28.91
CA GLU B 136 1.41 6.89 29.48
C GLU B 136 2.77 7.52 29.24
N ALA B 137 2.79 8.85 29.23
CA ALA B 137 4.02 9.56 29.00
C ALA B 137 3.82 11.03 29.28
N GLU B 138 4.92 11.74 29.58
CA GLU B 138 4.94 13.18 29.58
C GLU B 138 5.53 13.67 28.27
N LEU B 139 4.80 14.51 27.54
CA LEU B 139 5.22 14.99 26.22
C LEU B 139 5.58 16.47 26.31
N LYS B 140 6.75 16.83 25.79
CA LYS B 140 7.15 18.22 25.67
C LYS B 140 7.01 18.71 24.22
N ALA B 141 6.43 19.89 24.05
CA ALA B 141 6.24 20.42 22.71
C ALA B 141 6.65 21.86 22.65
N ILE B 143 5.95 25.26 20.22
CA ILE B 143 5.10 25.74 19.15
C ILE B 143 5.76 26.96 18.58
N VAL B 144 6.12 26.88 17.29
CA VAL B 144 6.89 27.96 16.68
C VAL B 144 6.40 28.30 15.28
N ASP B 145 6.78 29.47 14.78
CA ASP B 145 6.32 29.96 13.47
C ASP B 145 7.20 29.47 12.34
N ILE C 2 -15.45 -14.59 19.68
CA ILE C 2 -14.48 -14.99 18.64
C ILE C 2 -13.57 -13.86 18.19
N ASP C 3 -12.27 -13.98 18.49
CA ASP C 3 -11.35 -12.89 18.22
C ASP C 3 -10.74 -12.98 16.82
N VAL C 4 -9.96 -11.99 16.41
CA VAL C 4 -9.49 -11.92 15.04
C VAL C 4 -8.58 -13.05 14.52
N GLN C 6 -8.90 -16.12 15.67
CA GLN C 6 -9.89 -17.15 15.54
C GLN C 6 -10.63 -16.96 14.23
N ILE C 7 -11.04 -15.74 13.92
CA ILE C 7 -11.74 -15.56 12.66
C ILE C 7 -10.92 -16.19 11.56
N GLN C 8 -9.62 -15.94 11.57
CA GLN C 8 -8.77 -16.30 10.43
C GLN C 8 -8.45 -17.75 10.29
N GLU C 9 -8.59 -18.49 11.39
CA GLU C 9 -8.50 -19.94 11.33
C GLU C 9 -9.70 -20.40 10.54
N ILE C 10 -10.86 -19.84 10.85
CA ILE C 10 -12.12 -20.13 10.16
C ILE C 10 -12.24 -19.59 8.74
N LEU C 11 -12.23 -18.27 8.59
CA LEU C 11 -12.30 -17.65 7.25
C LEU C 11 -10.95 -17.71 6.55
N PRO C 12 -10.93 -17.90 5.22
CA PRO C 12 -9.68 -17.78 4.48
C PRO C 12 -9.28 -16.34 4.19
N HIS C 13 -10.18 -15.39 4.39
CA HIS C 13 -9.91 -13.99 4.08
C HIS C 13 -8.73 -13.42 4.86
N ARG C 14 -7.93 -12.59 4.20
CA ARG C 14 -6.80 -11.94 4.84
C ARG C 14 -6.83 -10.45 4.55
N TYR C 15 -6.03 -9.69 5.28
CA TYR C 15 -5.83 -8.29 4.95
C TYR C 15 -5.31 -8.21 3.50
N PRO C 16 -5.79 -7.25 2.70
CA PRO C 16 -6.73 -6.18 2.96
C PRO C 16 -8.17 -6.48 2.64
N PHE C 17 -8.59 -7.73 2.77
CA PHE C 17 -9.99 -7.99 2.58
C PHE C 17 -10.64 -8.76 3.71
N LEU C 18 -10.11 -8.60 4.92
CA LEU C 18 -10.78 -9.16 6.09
C LEU C 18 -11.54 -8.02 6.78
N LEU C 19 -12.87 -8.05 6.71
CA LEU C 19 -13.67 -6.92 7.14
C LEU C 19 -14.42 -7.14 8.45
N VAL C 20 -13.93 -8.08 9.26
CA VAL C 20 -14.46 -8.29 10.59
C VAL C 20 -13.33 -8.23 11.59
N ASP C 21 -13.43 -7.39 12.61
CA ASP C 21 -12.37 -7.38 13.64
C ASP C 21 -12.67 -8.33 14.79
N LYS C 22 -13.95 -8.53 15.11
CA LYS C 22 -14.32 -9.33 16.30
C LYS C 22 -15.73 -9.89 16.15
N ILE C 23 -15.93 -11.10 16.64
CA ILE C 23 -17.29 -11.60 16.79
C ILE C 23 -17.67 -11.63 18.27
N THR C 24 -18.72 -10.90 18.63
CA THR C 24 -19.10 -10.74 20.03
C THR C 24 -20.10 -11.77 20.54
N GLU C 25 -20.88 -12.34 19.62
CA GLU C 25 -21.88 -13.34 20.00
C GLU C 25 -22.19 -14.25 18.83
N LEU C 26 -22.31 -15.55 19.13
CA LEU C 26 -22.57 -16.55 18.12
C LEU C 26 -23.43 -17.67 18.69
N LYS C 27 -24.68 -17.73 18.25
CA LYS C 27 -25.60 -18.83 18.54
C LYS C 27 -25.75 -19.71 17.31
N VAL C 28 -25.23 -20.93 17.40
CA VAL C 28 -25.22 -21.87 16.29
C VAL C 28 -26.57 -21.96 15.55
N LYS C 29 -26.50 -21.90 14.22
CA LYS C 29 -27.67 -22.06 13.35
C LYS C 29 -28.75 -21.01 13.60
N GLU C 30 -28.38 -19.91 14.22
CA GLU C 30 -29.35 -18.89 14.60
C GLU C 30 -28.90 -17.47 14.28
N VAL C 31 -27.93 -16.97 15.03
CA VAL C 31 -27.58 -15.57 14.94
C VAL C 31 -26.11 -15.36 15.21
N VAL C 32 -25.53 -14.35 14.57
CA VAL C 32 -24.16 -13.97 14.86
C VAL C 32 -24.05 -12.44 14.93
N LEU C 33 -23.32 -11.95 15.94
CA LEU C 33 -23.06 -10.53 16.12
C LEU C 33 -21.57 -10.32 16.11
N GLY C 34 -21.09 -9.37 15.32
CA GLY C 34 -19.67 -9.00 15.27
C GLY C 34 -19.53 -7.59 14.71
N TYR C 35 -18.30 -7.05 14.71
CA TYR C 35 -18.10 -5.67 14.25
C TYR C 35 -16.77 -5.38 13.58
N LYS C 36 -16.71 -4.24 12.93
CA LYS C 36 -15.47 -3.74 12.33
C LYS C 36 -15.27 -2.31 12.79
N ASN C 37 -14.05 -2.04 13.26
CA ASN C 37 -13.62 -0.68 13.58
C ASN C 37 -13.25 0.08 12.32
N ILE C 38 -13.80 1.27 12.17
CA ILE C 38 -13.60 2.09 10.98
C ILE C 38 -12.68 3.23 11.38
N SER C 39 -11.58 3.38 10.65
CA SER C 39 -10.55 4.37 10.98
C SER C 39 -9.96 4.99 9.72
N ILE C 40 -9.42 6.23 9.78
CA ILE C 40 -8.72 6.71 8.56
C ILE C 40 -7.41 6.02 8.33
N SER C 41 -7.05 5.06 9.17
CA SER C 41 -5.90 4.22 8.86
C SER C 41 -6.22 3.30 7.74
N ASP C 42 -7.46 3.26 7.35
CA ASP C 42 -7.91 2.32 6.36
C ASP C 42 -7.63 2.86 4.95
N HIS C 43 -6.99 2.07 4.12
CA HIS C 43 -6.58 2.53 2.79
C HIS C 43 -7.77 2.94 1.91
N VAL C 44 -8.98 2.41 2.16
CA VAL C 44 -10.07 2.82 1.26
C VAL C 44 -10.34 4.29 1.24
N PHE C 45 -10.09 4.97 2.35
CA PHE C 45 -10.44 6.39 2.41
C PHE C 45 -9.53 7.21 1.55
N GLY C 47 -9.12 6.91 -1.41
CA GLY C 47 -9.70 7.05 -2.73
C GLY C 47 -11.19 7.14 -2.70
N HIS C 48 -11.83 6.59 -1.65
CA HIS C 48 -13.28 6.74 -1.48
C HIS C 48 -13.53 8.03 -0.70
N PHE C 49 -12.98 9.04 -1.38
CA PHE C 49 -13.29 10.43 -1.38
C PHE C 49 -12.28 11.23 -0.61
N PRO C 50 -11.27 11.69 -1.36
CA PRO C 50 -10.32 12.69 -0.99
C PRO C 50 -11.08 13.85 -0.36
N GLY C 51 -10.74 14.18 0.89
CA GLY C 51 -11.39 15.28 1.59
C GLY C 51 -12.79 14.94 2.06
N HIS C 52 -13.21 13.69 1.88
CA HIS C 52 -14.55 13.27 2.32
C HIS C 52 -14.64 11.73 2.55
N PRO C 53 -14.03 11.24 3.64
CA PRO C 53 -13.99 9.79 3.91
C PRO C 53 -15.37 9.19 4.17
N ILE C 54 -15.76 8.24 3.33
CA ILE C 54 -17.05 7.57 3.46
C ILE C 54 -16.82 6.09 3.23
N TYR C 55 -17.22 5.26 4.18
CA TYR C 55 -16.99 3.84 4.01
C TYR C 55 -17.90 3.29 2.91
N PRO C 56 -17.31 2.66 1.89
CA PRO C 56 -18.12 2.17 0.76
C PRO C 56 -19.21 1.23 1.22
N GLY C 57 -20.45 1.51 0.82
CA GLY C 57 -21.56 0.64 1.14
C GLY C 57 -21.33 -0.83 0.79
N VAL C 58 -20.81 -1.12 -0.40
CA VAL C 58 -20.61 -2.50 -0.81
C VAL C 58 -19.70 -3.25 0.18
N LEU C 59 -18.81 -2.54 0.84
CA LEU C 59 -17.95 -3.20 1.82
C LEU C 59 -18.72 -3.55 3.12
N ILE C 60 -19.74 -2.77 3.47
CA ILE C 60 -20.61 -3.16 4.59
C ILE C 60 -21.24 -4.51 4.26
N LEU C 61 -21.74 -4.68 3.04
CA LEU C 61 -22.34 -5.96 2.67
C LEU C 61 -21.31 -7.08 2.85
N GLU C 62 -20.07 -6.84 2.44
CA GLU C 62 -19.05 -7.89 2.50
C GLU C 62 -18.76 -8.26 3.95
N GLY C 63 -18.76 -7.27 4.82
CA GLY C 63 -18.54 -7.51 6.23
C GLY C 63 -19.66 -8.37 6.81
N ALA C 65 -21.45 -10.40 5.10
CA ALA C 65 -21.24 -11.71 4.50
C ALA C 65 -20.17 -12.52 5.22
N GLN C 66 -19.09 -11.86 5.63
CA GLN C 66 -18.00 -12.61 6.23
C GLN C 66 -18.43 -13.10 7.59
N THR C 67 -19.18 -12.26 8.31
CA THR C 67 -19.68 -12.62 9.62
C THR C 67 -20.59 -13.83 9.55
N GLY C 68 -21.51 -13.80 8.59
CA GLY C 68 -22.37 -14.95 8.29
C GLY C 68 -21.56 -16.18 7.92
N GLY C 69 -20.41 -15.96 7.29
CA GLY C 69 -19.50 -17.04 6.95
C GLY C 69 -19.11 -17.81 8.20
N VAL C 70 -18.65 -17.09 9.20
CA VAL C 70 -18.25 -17.73 10.42
C VAL C 70 -19.42 -18.55 11.02
N LEU C 71 -20.59 -17.92 11.09
CA LEU C 71 -21.77 -18.61 11.61
C LEU C 71 -21.96 -19.91 10.88
N ALA C 72 -21.96 -19.85 9.54
CA ALA C 72 -22.16 -21.07 8.75
C ALA C 72 -21.08 -22.11 9.04
N PHE C 73 -19.81 -21.72 8.94
CA PHE C 73 -18.71 -22.63 9.25
C PHE C 73 -18.81 -23.22 10.65
N GLU C 74 -19.37 -22.46 11.59
CA GLU C 74 -19.53 -22.91 12.97
C GLU C 74 -20.75 -23.79 13.22
N SER C 75 -21.50 -24.11 12.16
CA SER C 75 -22.83 -24.68 12.35
C SER C 75 -23.15 -25.90 11.49
N PRO C 82 -18.48 -32.11 9.84
CA PRO C 82 -17.56 -31.32 10.68
C PRO C 82 -16.13 -31.21 10.08
N LYS C 83 -15.93 -30.36 9.07
CA LYS C 83 -14.68 -30.39 8.28
C LYS C 83 -14.27 -29.05 7.68
N SER C 84 -13.68 -29.12 6.47
CA SER C 84 -13.38 -27.92 5.67
C SER C 84 -14.04 -27.98 4.29
N LYS C 85 -14.68 -26.87 3.93
CA LYS C 85 -15.46 -26.70 2.70
C LYS C 85 -15.48 -25.18 2.47
N VAL C 86 -16.27 -24.70 1.52
CA VAL C 86 -16.28 -23.26 1.28
C VAL C 86 -17.67 -22.66 1.36
N VAL C 87 -17.75 -21.40 1.77
CA VAL C 87 -19.03 -20.70 1.84
C VAL C 87 -19.15 -19.62 0.78
N TYR C 88 -19.91 -19.93 -0.26
CA TYR C 88 -20.06 -19.08 -1.43
C TYR C 88 -21.36 -18.28 -1.27
N PHE C 89 -21.26 -16.97 -1.27
CA PHE C 89 -22.46 -16.14 -1.28
C PHE C 89 -22.93 -15.90 -2.71
N THR C 90 -24.09 -16.43 -3.06
CA THR C 90 -24.54 -16.38 -4.45
C THR C 90 -25.52 -15.26 -4.74
N GLY C 91 -26.04 -14.65 -3.68
CA GLY C 91 -27.06 -13.62 -3.87
C GLY C 91 -27.23 -12.61 -2.74
N ILE C 92 -27.59 -11.39 -3.12
CA ILE C 92 -27.95 -10.35 -2.18
C ILE C 92 -29.24 -9.70 -2.66
N ASP C 93 -30.15 -9.44 -1.73
CA ASP C 93 -31.45 -8.92 -2.08
C ASP C 93 -31.96 -7.86 -1.12
N GLY C 94 -32.81 -6.97 -1.62
CA GLY C 94 -33.32 -5.87 -0.81
C GLY C 94 -32.26 -5.19 0.02
N ALA C 95 -31.12 -4.88 -0.60
CA ALA C 95 -30.04 -4.20 0.11
C ALA C 95 -30.32 -2.71 0.11
N LYS C 96 -30.28 -2.11 1.28
CA LYS C 96 -30.60 -0.71 1.39
C LYS C 96 -29.53 -0.06 2.21
N PHE C 97 -29.08 1.11 1.76
CA PHE C 97 -28.08 1.93 2.47
C PHE C 97 -28.72 3.16 3.07
N ARG C 98 -28.54 3.35 4.37
CA ARG C 98 -29.27 4.40 5.04
C ARG C 98 -28.37 5.60 5.34
N ASN C 99 -27.43 5.47 6.25
CA ASN C 99 -26.58 6.62 6.54
C ASN C 99 -25.15 6.28 6.26
N PRO C 100 -24.36 7.31 6.00
CA PRO C 100 -22.95 7.09 5.73
C PRO C 100 -22.26 6.53 6.97
N VAL C 101 -21.19 5.81 6.73
CA VAL C 101 -20.35 5.30 7.79
C VAL C 101 -19.03 6.07 7.64
N ARG C 102 -18.46 6.54 8.74
CA ARG C 102 -17.31 7.44 8.70
C ARG C 102 -16.22 7.01 9.66
N PRO C 103 -14.97 7.44 9.41
CA PRO C 103 -13.90 7.14 10.30
C PRO C 103 -14.34 7.47 11.72
N GLY C 104 -14.07 6.56 12.65
CA GLY C 104 -14.41 6.75 14.04
C GLY C 104 -15.58 5.89 14.43
N ASP C 105 -16.39 5.46 13.48
CA ASP C 105 -17.55 4.62 13.81
C ASP C 105 -17.15 3.17 14.14
N ARG C 106 -17.85 2.55 15.06
CA ARG C 106 -17.80 1.14 15.15
C ARG C 106 -18.93 0.59 14.28
N LEU C 107 -18.57 -0.24 13.31
CA LEU C 107 -19.57 -0.75 12.38
C LEU C 107 -20.08 -2.10 12.88
N ASP C 108 -21.32 -2.13 13.39
CA ASP C 108 -21.91 -3.31 14.01
C ASP C 108 -22.68 -4.23 13.07
N TYR C 109 -22.26 -5.48 12.92
CA TYR C 109 -22.97 -6.43 12.05
C TYR C 109 -23.90 -7.33 12.82
N GLU C 110 -25.02 -7.66 12.19
CA GLU C 110 -26.04 -8.51 12.80
C GLU C 110 -26.52 -9.44 11.71
N SER C 112 -28.92 -12.84 11.10
CA SER C 112 -29.84 -13.91 11.53
C SER C 112 -30.15 -14.86 10.37
N VAL C 113 -30.31 -16.13 10.72
CA VAL C 113 -30.68 -17.13 9.74
C VAL C 113 -32.19 -17.10 9.59
N VAL C 114 -32.70 -16.81 8.40
CA VAL C 114 -34.14 -16.89 8.22
C VAL C 114 -34.55 -18.20 7.60
N LYS C 115 -33.69 -18.79 6.78
CA LYS C 115 -33.90 -20.15 6.34
C LYS C 115 -32.61 -20.96 6.24
N ASN C 116 -32.74 -22.25 6.45
CA ASN C 116 -31.62 -23.17 6.36
C ASN C 116 -32.10 -24.46 5.73
N ARG C 117 -31.57 -24.82 4.58
CA ARG C 117 -31.99 -26.08 3.97
C ARG C 117 -30.81 -26.81 3.35
N GLY C 118 -30.47 -27.96 3.95
CA GLY C 118 -29.23 -28.65 3.60
C GLY C 118 -28.08 -27.67 3.50
N ASN C 119 -27.58 -27.53 2.27
CA ASN C 119 -26.44 -26.68 1.91
C ASN C 119 -26.72 -25.20 1.72
N TRP C 121 -28.20 -21.37 2.88
CA TRP C 121 -28.44 -20.44 3.98
C TRP C 121 -29.03 -19.15 3.46
N ILE C 122 -30.04 -18.64 4.16
CA ILE C 122 -30.57 -17.31 3.89
C ILE C 122 -30.49 -16.47 5.17
N PHE C 123 -29.81 -15.33 5.09
CA PHE C 123 -29.63 -14.48 6.25
C PHE C 123 -30.36 -13.16 6.10
N LYS C 124 -30.92 -12.68 7.20
CA LYS C 124 -31.30 -11.29 7.31
C LYS C 124 -30.12 -10.59 7.95
N GLY C 125 -29.58 -9.58 7.26
CA GLY C 125 -28.40 -8.85 7.76
C GLY C 125 -28.66 -7.37 7.96
N GLN C 126 -28.14 -6.84 9.06
CA GLN C 126 -28.25 -5.42 9.34
C GLN C 126 -26.91 -4.88 9.88
N ALA C 127 -26.60 -3.62 9.58
CA ALA C 127 -25.39 -3.03 10.08
C ALA C 127 -25.78 -1.78 10.85
N PHE C 128 -25.11 -1.54 11.96
CA PHE C 128 -25.48 -0.44 12.85
C PHE C 128 -24.26 0.37 13.25
N VAL C 129 -24.48 1.63 13.59
CA VAL C 129 -23.49 2.52 14.20
C VAL C 129 -24.23 3.28 15.31
N ASP C 130 -23.82 3.03 16.55
CA ASP C 130 -24.54 3.49 17.77
C ASP C 130 -26.03 3.23 17.76
N GLY C 131 -26.43 2.07 17.26
CA GLY C 131 -27.85 1.70 17.28
C GLY C 131 -28.65 2.32 16.15
N ASN C 132 -27.98 2.93 15.19
CA ASN C 132 -28.68 3.39 14.01
C ASN C 132 -28.41 2.50 12.82
N LEU C 133 -29.49 1.99 12.24
CA LEU C 133 -29.39 1.15 11.06
C LEU C 133 -28.66 1.93 9.96
N VAL C 134 -27.61 1.37 9.39
CA VAL C 134 -26.96 2.07 8.29
C VAL C 134 -27.07 1.26 7.00
N ALA C 135 -27.25 -0.06 7.11
CA ALA C 135 -27.51 -0.89 5.95
C ALA C 135 -28.24 -2.20 6.28
N GLU C 136 -28.90 -2.77 5.29
CA GLU C 136 -29.53 -4.08 5.49
C GLU C 136 -29.71 -4.80 4.17
N ALA C 137 -29.77 -6.13 4.24
CA ALA C 137 -29.95 -6.94 3.06
C ALA C 137 -30.27 -8.36 3.46
N GLU C 138 -30.74 -9.13 2.48
CA GLU C 138 -30.94 -10.55 2.65
C GLU C 138 -29.84 -11.24 1.87
N LEU C 139 -29.05 -12.08 2.54
CA LEU C 139 -27.92 -12.73 1.90
C LEU C 139 -28.17 -14.22 1.68
N LYS C 140 -27.90 -14.71 0.47
CA LYS C 140 -28.03 -16.13 0.16
C LYS C 140 -26.66 -16.75 0.03
N ALA C 141 -26.47 -17.91 0.67
CA ALA C 141 -25.18 -18.60 0.68
C ALA C 141 -25.30 -20.09 0.36
N ILE C 143 -22.66 -23.92 0.46
CA ILE C 143 -21.39 -24.53 0.92
C ILE C 143 -20.84 -25.60 -0.03
N VAL C 144 -19.61 -25.41 -0.52
CA VAL C 144 -19.03 -26.29 -1.57
C VAL C 144 -17.63 -26.82 -1.24
N ASP C 145 -17.17 -27.84 -2.00
CA ASP C 145 -15.85 -28.43 -1.79
C ASP C 145 -14.79 -27.42 -1.37
N ILE D 2 -14.91 6.90 -23.62
CA ILE D 2 -14.27 7.73 -22.58
C ILE D 2 -13.27 6.97 -21.66
N ASP D 3 -12.04 7.48 -21.60
CA ASP D 3 -10.94 6.85 -20.81
C ASP D 3 -10.82 7.32 -19.35
N VAL D 4 -9.83 6.79 -18.64
CA VAL D 4 -9.65 7.11 -17.21
C VAL D 4 -9.49 8.59 -16.83
N GLN D 6 -10.63 11.10 -18.22
CA GLN D 6 -11.93 11.75 -18.34
C GLN D 6 -12.88 11.19 -17.30
N ILE D 7 -12.76 9.90 -17.04
CA ILE D 7 -13.61 9.31 -16.03
C ILE D 7 -13.49 10.08 -14.73
N GLN D 8 -12.25 10.42 -14.38
CA GLN D 8 -11.97 11.15 -13.15
C GLN D 8 -12.39 12.63 -13.18
N GLU D 9 -12.60 13.18 -14.36
CA GLU D 9 -13.15 14.52 -14.40
C GLU D 9 -14.61 14.43 -13.95
N ILE D 10 -15.18 13.24 -14.05
CA ILE D 10 -16.58 13.04 -13.69
C ILE D 10 -16.79 12.41 -12.32
N LEU D 11 -16.25 11.22 -12.12
CA LEU D 11 -16.35 10.57 -10.84
C LEU D 11 -15.37 11.18 -9.88
N PRO D 12 -15.74 11.33 -8.61
CA PRO D 12 -14.79 11.72 -7.59
C PRO D 12 -13.90 10.57 -7.07
N HIS D 13 -14.27 9.33 -7.38
CA HIS D 13 -13.47 8.17 -6.98
C HIS D 13 -12.02 8.21 -7.46
N ARG D 14 -11.11 7.80 -6.58
CA ARG D 14 -9.69 7.68 -6.93
C ARG D 14 -9.14 6.33 -6.49
N TYR D 15 -7.95 5.99 -6.99
CA TYR D 15 -7.30 4.78 -6.53
C TYR D 15 -7.15 4.90 -5.02
N PRO D 16 -7.34 3.80 -4.29
CA PRO D 16 -7.60 2.45 -4.71
C PRO D 16 -9.06 2.04 -4.73
N PHE D 17 -9.98 2.97 -4.97
CA PHE D 17 -11.36 2.56 -5.14
C PHE D 17 -11.99 3.03 -6.44
N LEU D 18 -11.18 3.14 -7.50
CA LEU D 18 -11.64 3.47 -8.85
C LEU D 18 -11.71 2.18 -9.62
N LEU D 19 -12.91 1.63 -9.80
CA LEU D 19 -13.05 0.31 -10.42
C LEU D 19 -13.56 0.28 -11.85
N VAL D 20 -13.33 1.36 -12.59
CA VAL D 20 -13.58 1.38 -14.04
C VAL D 20 -12.35 1.86 -14.77
N ASP D 21 -11.86 1.10 -15.73
CA ASP D 21 -10.69 1.55 -16.46
C ASP D 21 -11.04 2.32 -17.72
N LYS D 22 -12.21 2.01 -18.30
CA LYS D 22 -12.58 2.61 -19.58
C LYS D 22 -14.07 2.44 -19.85
N ILE D 23 -14.67 3.48 -20.42
CA ILE D 23 -16.05 3.41 -20.86
C ILE D 23 -16.01 3.32 -22.38
N THR D 24 -16.60 2.27 -22.95
CA THR D 24 -16.50 2.02 -24.39
C THR D 24 -17.69 2.56 -25.14
N GLU D 25 -18.83 2.67 -24.47
CA GLU D 25 -20.02 3.17 -25.12
C GLU D 25 -20.95 3.82 -24.11
N LEU D 26 -21.55 4.92 -24.52
CA LEU D 26 -22.43 5.66 -23.64
C LEU D 26 -23.51 6.37 -24.45
N LYS D 27 -24.74 5.90 -24.33
CA LYS D 27 -25.91 6.56 -24.93
C LYS D 27 -26.75 7.20 -23.84
N VAL D 28 -26.81 8.52 -23.85
CA VAL D 28 -27.41 9.29 -22.77
C VAL D 28 -28.82 8.79 -22.38
N LYS D 29 -29.07 8.73 -21.07
CA LYS D 29 -30.39 8.36 -20.53
C LYS D 29 -30.75 6.94 -20.88
N GLU D 30 -29.78 6.14 -21.32
CA GLU D 30 -30.14 4.84 -21.87
C GLU D 30 -29.25 3.69 -21.40
N VAL D 31 -28.02 3.67 -21.89
CA VAL D 31 -27.13 2.57 -21.60
C VAL D 31 -25.68 3.02 -21.51
N VAL D 32 -24.89 2.31 -20.72
CA VAL D 32 -23.45 2.54 -20.62
C VAL D 32 -22.70 1.21 -20.62
N LEU D 33 -21.66 1.14 -21.44
CA LEU D 33 -20.76 0.00 -21.46
C LEU D 33 -19.35 0.44 -21.05
N GLY D 34 -18.74 -0.26 -20.11
CA GLY D 34 -17.34 -0.04 -19.75
C GLY D 34 -16.76 -1.28 -19.09
N TYR D 35 -15.48 -1.24 -18.75
CA TYR D 35 -14.85 -2.41 -18.16
C TYR D 35 -13.71 -2.10 -17.21
N LYS D 36 -13.34 -3.13 -16.44
CA LYS D 36 -12.15 -3.08 -15.59
C LYS D 36 -11.21 -4.25 -15.92
N ASN D 37 -9.91 -3.96 -16.06
CA ASN D 37 -8.93 -5.03 -16.23
C ASN D 37 -8.62 -5.66 -14.90
N ILE D 38 -8.67 -6.99 -14.81
CA ILE D 38 -8.33 -7.66 -13.57
C ILE D 38 -6.94 -8.28 -13.67
N SER D 39 -6.07 -7.97 -12.71
CA SER D 39 -4.67 -8.40 -12.75
C SER D 39 -4.16 -8.74 -11.33
N ILE D 40 -3.18 -9.64 -11.18
CA ILE D 40 -2.65 -9.84 -9.81
C ILE D 40 -1.90 -8.61 -9.31
N SER D 41 -1.78 -7.58 -10.14
CA SER D 41 -1.20 -6.33 -9.67
C SER D 41 -2.14 -5.70 -8.67
N ASP D 42 -3.34 -6.22 -8.59
CA ASP D 42 -4.37 -5.63 -7.75
C ASP D 42 -4.16 -6.06 -6.30
N HIS D 43 -4.09 -5.10 -5.39
CA HIS D 43 -3.85 -5.44 -3.97
C HIS D 43 -4.94 -6.34 -3.38
N VAL D 44 -6.15 -6.35 -3.93
CA VAL D 44 -7.17 -7.17 -3.29
C VAL D 44 -6.82 -8.65 -3.26
N PHE D 45 -6.06 -9.13 -4.24
CA PHE D 45 -5.72 -10.54 -4.29
C PHE D 45 -4.77 -10.94 -3.19
N GLY D 47 -5.20 -10.60 -0.19
CA GLY D 47 -5.98 -11.10 0.93
C GLY D 47 -7.26 -11.79 0.52
N HIS D 48 -7.75 -11.52 -0.70
CA HIS D 48 -8.91 -12.25 -1.16
C HIS D 48 -8.40 -13.50 -1.80
N PHE D 49 -7.65 -14.17 -0.92
CA PHE D 49 -7.38 -15.57 -0.89
C PHE D 49 -5.97 -15.81 -1.38
N PRO D 50 -5.03 -15.86 -0.42
CA PRO D 50 -3.66 -16.27 -0.64
C PRO D 50 -3.71 -17.64 -1.27
N GLY D 51 -2.99 -17.78 -2.38
CA GLY D 51 -2.95 -19.02 -3.14
C GLY D 51 -4.23 -19.30 -3.91
N HIS D 52 -5.16 -18.35 -3.94
CA HIS D 52 -6.42 -18.56 -4.67
C HIS D 52 -7.12 -17.24 -5.00
N PRO D 53 -6.57 -16.49 -5.96
CA PRO D 53 -7.06 -15.16 -6.34
C PRO D 53 -8.49 -15.15 -6.92
N ILE D 54 -9.40 -14.49 -6.24
CA ILE D 54 -10.80 -14.41 -6.62
C ILE D 54 -11.26 -12.97 -6.46
N TYR D 55 -11.74 -12.37 -7.54
CA TYR D 55 -12.16 -10.98 -7.44
C TYR D 55 -13.46 -10.86 -6.62
N PRO D 56 -13.42 -10.13 -5.51
CA PRO D 56 -14.61 -10.04 -4.66
C PRO D 56 -15.93 -9.64 -5.38
N GLY D 57 -16.95 -10.45 -5.24
CA GLY D 57 -18.23 -10.11 -5.85
C GLY D 57 -18.69 -8.68 -5.54
N VAL D 58 -18.57 -8.24 -4.29
CA VAL D 58 -19.07 -6.92 -3.93
C VAL D 58 -18.37 -5.83 -4.74
N LEU D 59 -17.14 -6.09 -5.18
CA LEU D 59 -16.44 -5.05 -5.97
C LEU D 59 -16.98 -4.97 -7.39
N ILE D 60 -17.53 -6.08 -7.88
CA ILE D 60 -18.15 -6.05 -9.19
C ILE D 60 -19.35 -5.14 -9.13
N LEU D 61 -20.13 -5.27 -8.07
CA LEU D 61 -21.29 -4.40 -7.86
C LEU D 61 -20.86 -2.92 -7.84
N GLU D 62 -19.77 -2.62 -7.15
CA GLU D 62 -19.28 -1.27 -7.11
C GLU D 62 -18.86 -0.75 -8.50
N GLY D 63 -18.23 -1.60 -9.30
CA GLY D 63 -17.80 -1.16 -10.61
C GLY D 63 -19.01 -0.87 -11.49
N ALA D 65 -21.80 0.11 -10.34
CA ALA D 65 -22.30 1.33 -9.77
C ALA D 65 -21.57 2.55 -10.31
N GLN D 66 -20.26 2.44 -10.43
CA GLN D 66 -19.44 3.57 -10.86
C GLN D 66 -19.71 3.91 -12.35
N THR D 67 -19.83 2.87 -13.15
CA THR D 67 -20.14 3.04 -14.55
C THR D 67 -21.52 3.71 -14.74
N GLY D 68 -22.53 3.25 -14.00
CA GLY D 68 -23.82 3.94 -13.94
C GLY D 68 -23.72 5.38 -13.47
N GLY D 69 -22.77 5.65 -12.57
CA GLY D 69 -22.51 7.00 -12.11
C GLY D 69 -22.19 7.89 -13.28
N VAL D 70 -21.30 7.42 -14.13
CA VAL D 70 -20.89 8.21 -15.27
C VAL D 70 -22.07 8.53 -16.16
N LEU D 71 -22.84 7.50 -16.48
CA LEU D 71 -24.05 7.68 -17.30
C LEU D 71 -24.96 8.73 -16.68
N ALA D 72 -25.19 8.64 -15.38
CA ALA D 72 -26.06 9.58 -14.71
C ALA D 72 -25.52 10.99 -14.85
N PHE D 73 -24.26 11.19 -14.47
CA PHE D 73 -23.62 12.50 -14.55
C PHE D 73 -23.67 13.03 -15.98
N GLU D 74 -23.58 12.15 -16.96
CA GLU D 74 -23.53 12.58 -18.35
C GLU D 74 -24.89 12.96 -18.91
N SER D 75 -25.92 12.31 -18.41
CA SER D 75 -27.29 12.57 -18.89
C SER D 75 -27.88 13.87 -18.32
N ASP D 81 -29.82 20.08 -16.37
CA ASP D 81 -28.62 20.72 -16.93
C ASP D 81 -27.96 21.71 -15.96
N PRO D 82 -27.56 21.23 -14.76
CA PRO D 82 -26.64 21.94 -13.88
C PRO D 82 -25.18 21.56 -14.16
N LYS D 83 -24.56 20.81 -13.24
CA LYS D 83 -23.16 20.42 -13.37
C LYS D 83 -22.71 19.51 -12.25
N SER D 84 -22.43 20.12 -11.10
CA SER D 84 -21.86 19.40 -9.97
C SER D 84 -22.88 19.05 -8.87
N LYS D 85 -23.18 17.76 -8.80
CA LYS D 85 -24.06 17.19 -7.82
C LYS D 85 -23.44 15.86 -7.48
N VAL D 86 -24.05 15.09 -6.58
CA VAL D 86 -23.50 13.75 -6.30
C VAL D 86 -24.48 12.62 -6.61
N VAL D 87 -23.93 11.45 -6.98
CA VAL D 87 -24.74 10.28 -7.31
C VAL D 87 -24.67 9.22 -6.22
N TYR D 88 -25.71 9.14 -5.43
CA TYR D 88 -25.77 8.30 -4.25
C TYR D 88 -26.52 7.05 -4.62
N PHE D 89 -25.89 5.89 -4.51
CA PHE D 89 -26.58 4.63 -4.73
C PHE D 89 -27.20 4.15 -3.41
N THR D 90 -28.53 4.11 -3.34
CA THR D 90 -29.20 3.81 -2.07
C THR D 90 -29.68 2.38 -1.97
N GLY D 91 -29.65 1.65 -3.07
CA GLY D 91 -30.15 0.28 -3.05
C GLY D 91 -29.62 -0.66 -4.10
N ILE D 92 -29.58 -1.93 -3.74
CA ILE D 92 -29.25 -2.97 -4.68
C ILE D 92 -30.23 -4.12 -4.49
N ASP D 93 -30.74 -4.68 -5.59
CA ASP D 93 -31.75 -5.76 -5.55
C ASP D 93 -31.42 -6.90 -6.49
N GLY D 94 -31.89 -8.08 -6.15
CA GLY D 94 -31.69 -9.26 -6.98
C GLY D 94 -30.28 -9.38 -7.48
N ALA D 95 -29.30 -9.15 -6.62
CA ALA D 95 -27.92 -9.32 -6.99
C ALA D 95 -27.58 -10.79 -6.98
N LYS D 96 -27.05 -11.29 -8.09
CA LYS D 96 -26.66 -12.69 -8.18
C LYS D 96 -25.23 -12.81 -8.70
N PHE D 97 -24.44 -13.67 -8.06
CA PHE D 97 -23.06 -13.97 -8.48
C PHE D 97 -22.98 -15.34 -9.12
N ARG D 98 -22.49 -15.39 -10.37
CA ARG D 98 -22.54 -16.65 -11.10
C ARG D 98 -21.18 -17.35 -11.06
N ASN D 99 -20.15 -16.71 -11.61
CA ASN D 99 -18.89 -17.38 -11.77
C ASN D 99 -17.80 -16.50 -11.24
N PRO D 100 -16.72 -17.14 -10.78
CA PRO D 100 -15.58 -16.44 -10.22
C PRO D 100 -14.93 -15.56 -11.29
N VAL D 101 -14.38 -14.44 -10.87
CA VAL D 101 -13.62 -13.55 -11.75
C VAL D 101 -12.17 -13.65 -11.27
N ARG D 102 -11.23 -13.87 -12.19
CA ARG D 102 -9.85 -14.22 -11.85
C ARG D 102 -8.86 -13.26 -12.51
N PRO D 103 -7.65 -13.14 -11.94
CA PRO D 103 -6.62 -12.36 -12.62
C PRO D 103 -6.53 -12.78 -14.06
N GLY D 104 -6.46 -11.80 -14.96
CA GLY D 104 -6.38 -12.07 -16.38
C GLY D 104 -7.67 -11.80 -17.12
N ASP D 105 -8.78 -11.72 -16.38
CA ASP D 105 -10.07 -11.48 -16.99
C ASP D 105 -10.29 -9.99 -17.26
N ARG D 106 -10.93 -9.69 -18.39
CA ARG D 106 -11.47 -8.36 -18.59
C ARG D 106 -12.90 -8.39 -18.07
N LEU D 107 -13.17 -7.58 -17.07
CA LEU D 107 -14.47 -7.57 -16.44
C LEU D 107 -15.37 -6.53 -17.09
N ASP D 108 -16.31 -7.00 -17.91
CA ASP D 108 -17.20 -6.13 -18.70
C ASP D 108 -18.49 -5.69 -17.97
N TYR D 109 -18.67 -4.38 -17.79
CA TYR D 109 -19.90 -3.89 -17.16
C TYR D 109 -20.90 -3.44 -18.21
N GLU D 110 -22.18 -3.73 -17.96
CA GLU D 110 -23.28 -3.21 -18.79
C GLU D 110 -24.36 -2.66 -17.86
N SER D 112 -28.05 -0.60 -17.97
CA SER D 112 -29.16 0.01 -18.68
C SER D 112 -30.13 0.66 -17.72
N VAL D 113 -30.71 1.78 -18.13
CA VAL D 113 -31.71 2.47 -17.34
C VAL D 113 -33.03 1.78 -17.52
N VAL D 114 -33.61 1.30 -16.43
CA VAL D 114 -34.93 0.69 -16.50
C VAL D 114 -36.01 1.72 -16.17
N LYS D 115 -35.69 2.62 -15.26
CA LYS D 115 -36.58 3.72 -14.89
C LYS D 115 -35.79 4.98 -14.60
N ASN D 116 -36.35 6.12 -14.97
CA ASN D 116 -35.81 7.40 -14.52
C ASN D 116 -36.95 8.31 -14.14
N ARG D 117 -36.92 8.82 -12.92
CA ARG D 117 -37.94 9.78 -12.49
C ARG D 117 -37.35 10.91 -11.68
N GLY D 118 -37.38 12.11 -12.27
CA GLY D 118 -36.68 13.24 -11.72
C GLY D 118 -35.28 12.85 -11.31
N ASN D 119 -35.01 12.90 -10.01
CA ASN D 119 -33.67 12.62 -9.54
C ASN D 119 -33.43 11.16 -9.10
N TRP D 121 -32.88 7.06 -10.33
CA TRP D 121 -32.43 6.21 -11.43
C TRP D 121 -32.50 4.76 -10.99
N ILE D 122 -33.05 3.91 -11.85
CA ILE D 122 -32.97 2.48 -11.61
C ILE D 122 -32.32 1.79 -12.79
N PHE D 123 -31.30 0.99 -12.49
CA PHE D 123 -30.48 0.37 -13.51
C PHE D 123 -30.57 -1.13 -13.48
N LYS D 124 -30.62 -1.76 -14.65
CA LYS D 124 -30.33 -3.17 -14.75
C LYS D 124 -28.86 -3.30 -15.09
N GLY D 125 -28.13 -3.99 -14.23
CA GLY D 125 -26.70 -4.16 -14.40
C GLY D 125 -26.27 -5.60 -14.56
N GLN D 126 -25.29 -5.80 -15.43
CA GLN D 126 -24.73 -7.12 -15.67
C GLN D 126 -23.25 -7.04 -15.87
N ALA D 127 -22.53 -8.05 -15.41
CA ALA D 127 -21.10 -8.08 -15.62
C ALA D 127 -20.70 -9.36 -16.36
N PHE D 128 -19.77 -9.24 -17.30
CA PHE D 128 -19.37 -10.39 -18.13
C PHE D 128 -17.86 -10.55 -18.21
N VAL D 129 -17.45 -11.80 -18.45
CA VAL D 129 -16.09 -12.12 -18.88
C VAL D 129 -16.19 -13.08 -20.05
N ASP D 130 -15.70 -12.64 -21.20
CA ASP D 130 -15.80 -13.41 -22.45
C ASP D 130 -17.24 -13.71 -22.80
N GLY D 131 -18.16 -12.82 -22.42
CA GLY D 131 -19.57 -13.04 -22.75
C GLY D 131 -20.28 -14.00 -21.80
N ASN D 132 -19.62 -14.34 -20.70
CA ASN D 132 -20.28 -15.13 -19.68
C ASN D 132 -20.74 -14.20 -18.58
N LEU D 133 -22.03 -14.24 -18.30
CA LEU D 133 -22.59 -13.50 -17.18
C LEU D 133 -21.88 -13.94 -15.90
N VAL D 134 -21.33 -12.99 -15.15
CA VAL D 134 -20.69 -13.36 -13.88
C VAL D 134 -21.46 -12.75 -12.71
N ALA D 135 -22.07 -11.59 -12.94
CA ALA D 135 -22.96 -11.01 -11.93
C ALA D 135 -24.07 -10.17 -12.53
N GLU D 136 -25.10 -9.97 -11.72
CA GLU D 136 -26.19 -9.10 -12.11
C GLU D 136 -26.91 -8.52 -10.92
N ALA D 137 -27.54 -7.36 -11.11
CA ALA D 137 -28.26 -6.70 -10.04
C ALA D 137 -29.03 -5.52 -10.59
N GLU D 138 -30.04 -5.10 -9.82
CA GLU D 138 -30.75 -3.88 -10.12
C GLU D 138 -30.26 -2.85 -9.12
N LEU D 139 -29.77 -1.72 -9.61
CA LEU D 139 -29.24 -0.72 -8.69
C LEU D 139 -30.06 0.56 -8.71
N LYS D 140 -30.38 1.06 -7.52
CA LYS D 140 -31.14 2.30 -7.39
C LYS D 140 -30.23 3.44 -6.98
N ALA D 141 -30.37 4.59 -7.65
CA ALA D 141 -29.52 5.75 -7.36
C ALA D 141 -30.32 7.03 -7.24
N ILE D 143 -29.54 11.43 -7.46
CA ILE D 143 -28.58 12.51 -7.62
C ILE D 143 -28.82 13.67 -6.62
N VAL D 144 -27.75 14.14 -5.98
CA VAL D 144 -27.85 15.16 -4.93
C VAL D 144 -27.15 16.47 -5.31
N ILE E 2 -0.97 -21.38 -19.31
CA ILE E 2 -1.12 -21.42 -17.84
C ILE E 2 -1.54 -20.13 -17.13
N ASP E 3 -2.05 -20.29 -15.91
CA ASP E 3 -2.69 -19.23 -15.15
C ASP E 3 -1.84 -18.73 -13.96
N VAL E 4 -2.34 -17.72 -13.25
CA VAL E 4 -1.51 -17.02 -12.26
C VAL E 4 -0.89 -17.94 -11.25
N GLN E 6 -0.47 -21.24 -11.13
CA GLN E 6 0.52 -22.10 -11.75
C GLN E 6 1.78 -21.29 -11.98
N ILE E 7 1.64 -20.08 -12.50
CA ILE E 7 2.80 -19.22 -12.66
C ILE E 7 3.62 -19.05 -11.34
N GLN E 8 2.94 -18.81 -10.22
CA GLN E 8 3.63 -18.65 -8.92
C GLN E 8 4.21 -19.98 -8.46
N GLU E 9 3.59 -21.05 -8.92
CA GLU E 9 4.08 -22.39 -8.71
C GLU E 9 5.44 -22.50 -9.42
N ILE E 10 5.79 -21.51 -10.25
CA ILE E 10 7.03 -21.57 -11.05
C ILE E 10 8.04 -20.42 -10.79
N LEU E 11 7.62 -19.16 -10.95
CA LEU E 11 8.45 -18.00 -10.61
C LEU E 11 8.38 -17.73 -9.11
N PRO E 12 9.43 -17.16 -8.52
CA PRO E 12 9.30 -16.80 -7.12
C PRO E 12 8.74 -15.39 -6.93
N HIS E 13 8.63 -14.63 -8.01
CA HIS E 13 8.05 -13.29 -7.95
C HIS E 13 6.66 -13.28 -7.31
N ARG E 14 6.38 -12.27 -6.48
CA ARG E 14 5.05 -12.10 -5.88
C ARG E 14 4.58 -10.66 -5.98
N TYR E 15 3.30 -10.42 -5.73
CA TYR E 15 2.79 -9.06 -5.67
C TYR E 15 3.62 -8.33 -4.65
N PRO E 16 3.99 -7.07 -4.92
CA PRO E 16 3.66 -6.24 -6.07
C PRO E 16 4.68 -6.23 -7.20
N PHE E 17 5.39 -7.33 -7.41
CA PHE E 17 6.32 -7.35 -8.52
C PHE E 17 6.13 -8.56 -9.42
N LEU E 18 4.90 -9.06 -9.47
CA LEU E 18 4.55 -10.12 -10.40
C LEU E 18 3.82 -9.49 -11.60
N LEU E 19 4.51 -9.38 -12.74
CA LEU E 19 3.99 -8.59 -13.87
C LEU E 19 3.46 -9.43 -15.02
N VAL E 20 3.09 -10.67 -14.74
CA VAL E 20 2.41 -11.49 -15.75
C VAL E 20 1.13 -12.08 -15.18
N ASP E 21 0.02 -11.88 -15.87
CA ASP E 21 -1.25 -12.37 -15.36
C ASP E 21 -1.54 -13.78 -15.87
N LYS E 22 -1.10 -14.08 -17.08
CA LYS E 22 -1.44 -15.35 -17.73
C LYS E 22 -0.51 -15.66 -18.89
N ILE E 23 -0.17 -16.93 -19.03
CA ILE E 23 0.59 -17.41 -20.16
C ILE E 23 -0.36 -18.15 -21.12
N THR E 24 -0.48 -17.64 -22.34
CA THR E 24 -1.44 -18.18 -23.31
C THR E 24 -0.88 -19.28 -24.20
N GLU E 25 0.42 -19.23 -24.48
CA GLU E 25 1.06 -20.25 -25.29
C GLU E 25 2.55 -20.42 -24.96
N LEU E 26 2.98 -21.66 -24.93
CA LEU E 26 4.30 -22.03 -24.45
C LEU E 26 4.82 -23.20 -25.25
N LYS E 27 5.79 -22.96 -26.14
CA LYS E 27 6.45 -24.03 -26.87
C LYS E 27 7.90 -24.14 -26.40
N VAL E 28 8.22 -25.26 -25.76
CA VAL E 28 9.50 -25.43 -25.08
C VAL E 28 10.69 -25.09 -25.97
N LYS E 29 11.64 -24.35 -25.39
CA LYS E 29 12.90 -23.99 -26.06
C LYS E 29 12.70 -23.10 -27.26
N GLU E 30 11.52 -22.50 -27.38
CA GLU E 30 11.15 -21.84 -28.61
C GLU E 30 10.55 -20.47 -28.38
N VAL E 31 9.32 -20.46 -27.89
CA VAL E 31 8.60 -19.21 -27.79
C VAL E 31 7.57 -19.27 -26.68
N VAL E 32 7.24 -18.11 -26.12
CA VAL E 32 6.27 -18.03 -25.06
C VAL E 32 5.43 -16.78 -25.27
N LEU E 33 4.11 -16.92 -25.16
CA LEU E 33 3.19 -15.78 -25.22
C LEU E 33 2.38 -15.68 -23.92
N GLY E 34 2.33 -14.48 -23.34
CA GLY E 34 1.56 -14.22 -22.14
C GLY E 34 1.22 -12.75 -22.08
N TYR E 35 0.46 -12.34 -21.06
CA TYR E 35 0.04 -10.95 -20.99
C TYR E 35 -0.18 -10.44 -19.57
N LYS E 36 -0.26 -9.12 -19.45
CA LYS E 36 -0.57 -8.44 -18.20
C LYS E 36 -1.77 -7.50 -18.47
N ASN E 37 -2.77 -7.57 -17.62
CA ASN E 37 -3.85 -6.59 -17.66
C ASN E 37 -3.42 -5.30 -17.00
N ILE E 38 -3.63 -4.17 -17.67
CA ILE E 38 -3.26 -2.88 -17.11
C ILE E 38 -4.49 -2.12 -16.66
N SER E 39 -4.50 -1.69 -15.39
CA SER E 39 -5.68 -1.11 -14.78
C SER E 39 -5.31 0.04 -13.84
N ILE E 40 -6.16 1.05 -13.64
CA ILE E 40 -5.80 2.08 -12.66
C ILE E 40 -5.90 1.53 -11.26
N SER E 41 -6.22 0.25 -11.13
CA SER E 41 -6.18 -0.32 -9.79
C SER E 41 -4.72 -0.65 -9.44
N ASP E 42 -3.81 -0.37 -10.36
CA ASP E 42 -2.40 -0.60 -10.18
C ASP E 42 -1.76 0.59 -9.43
N HIS E 43 -1.06 0.28 -8.33
CA HIS E 43 -0.37 1.30 -7.51
C HIS E 43 0.58 2.20 -8.32
N VAL E 44 1.17 1.68 -9.39
CA VAL E 44 2.14 2.47 -10.13
C VAL E 44 1.56 3.78 -10.62
N PHE E 45 0.28 3.80 -10.99
CA PHE E 45 -0.24 4.97 -11.63
C PHE E 45 -0.43 6.13 -10.64
N GLY E 47 1.77 7.35 -8.91
CA GLY E 47 2.97 8.17 -8.94
C GLY E 47 3.59 8.29 -10.32
N HIS E 48 3.33 7.31 -11.20
CA HIS E 48 3.74 7.49 -12.59
C HIS E 48 2.65 8.25 -13.32
N PHE E 49 2.43 9.42 -12.72
CA PHE E 49 1.91 10.61 -13.32
C PHE E 49 0.49 10.83 -12.89
N PRO E 50 0.36 11.50 -11.73
CA PRO E 50 -0.81 12.18 -11.26
C PRO E 50 -1.49 12.87 -12.44
N GLY E 51 -2.76 12.50 -12.70
CA GLY E 51 -3.54 13.08 -13.79
C GLY E 51 -3.04 12.66 -15.16
N HIS E 52 -2.13 11.71 -15.22
CA HIS E 52 -1.66 11.24 -16.51
C HIS E 52 -1.06 9.83 -16.45
N PRO E 53 -1.90 8.79 -16.32
CA PRO E 53 -1.33 7.45 -16.06
C PRO E 53 -0.67 6.85 -17.29
N ILE E 54 0.63 6.59 -17.18
CA ILE E 54 1.42 5.91 -18.20
C ILE E 54 2.11 4.72 -17.55
N TYR E 55 1.96 3.53 -18.12
CA TYR E 55 2.67 2.37 -17.56
C TYR E 55 4.19 2.51 -17.80
N PRO E 56 5.00 2.47 -16.75
CA PRO E 56 6.43 2.70 -16.99
C PRO E 56 7.08 1.70 -17.96
N GLY E 57 7.80 2.22 -18.95
CA GLY E 57 8.50 1.38 -19.89
C GLY E 57 9.30 0.27 -19.23
N VAL E 58 10.07 0.60 -18.20
CA VAL E 58 10.96 -0.43 -17.64
C VAL E 58 10.16 -1.60 -17.11
N LEU E 59 8.91 -1.37 -16.73
CA LEU E 59 8.07 -2.47 -16.23
C LEU E 59 7.65 -3.39 -17.39
N ILE E 60 7.49 -2.82 -18.58
CA ILE E 60 7.27 -3.66 -19.73
C ILE E 60 8.43 -4.64 -19.90
N LEU E 61 9.67 -4.15 -19.82
CA LEU E 61 10.84 -5.00 -19.90
C LEU E 61 10.78 -6.12 -18.87
N GLU E 62 10.42 -5.79 -17.64
CA GLU E 62 10.40 -6.78 -16.57
C GLU E 62 9.36 -7.86 -16.84
N GLY E 63 8.22 -7.45 -17.41
CA GLY E 63 7.15 -8.37 -17.73
C GLY E 63 7.61 -9.35 -18.79
N ALA E 65 10.69 -10.12 -19.29
CA ALA E 65 11.70 -10.94 -18.61
C ALA E 65 11.07 -12.07 -17.81
N GLN E 66 9.95 -11.79 -17.16
CA GLN E 66 9.34 -12.80 -16.30
C GLN E 66 8.71 -13.91 -17.13
N THR E 67 8.11 -13.53 -18.24
CA THR E 67 7.53 -14.47 -19.18
C THR E 67 8.60 -15.40 -19.72
N GLY E 68 9.73 -14.81 -20.10
CA GLY E 68 10.87 -15.60 -20.55
C GLY E 68 11.37 -16.50 -19.44
N GLY E 69 11.22 -16.05 -18.21
CA GLY E 69 11.62 -16.86 -17.06
C GLY E 69 10.88 -18.18 -17.07
N VAL E 70 9.58 -18.09 -17.26
CA VAL E 70 8.75 -19.27 -17.28
C VAL E 70 9.18 -20.21 -18.38
N LEU E 71 9.36 -19.68 -19.58
CA LEU E 71 9.81 -20.51 -20.69
C LEU E 71 11.11 -21.22 -20.31
N ALA E 72 12.06 -20.46 -19.75
CA ALA E 72 13.35 -21.02 -19.34
C ALA E 72 13.15 -22.18 -18.36
N PHE E 73 12.39 -21.90 -17.30
CA PHE E 73 12.12 -22.88 -16.27
C PHE E 73 11.38 -24.10 -16.82
N GLU E 74 10.54 -23.90 -17.82
CA GLU E 74 9.73 -24.98 -18.37
C GLU E 74 10.53 -25.94 -19.27
N SER E 75 11.75 -25.56 -19.59
CA SER E 75 12.60 -26.39 -20.44
C SER E 75 13.49 -27.28 -19.57
N GLU E 77 13.48 -30.90 -17.04
CA GLU E 77 13.59 -32.33 -17.33
C GLU E 77 15.05 -32.79 -17.37
N LYS E 83 13.05 -27.76 -11.94
CA LYS E 83 13.03 -27.85 -10.48
C LYS E 83 13.58 -26.58 -9.84
N SER E 84 14.63 -26.73 -9.04
CA SER E 84 15.26 -25.57 -8.41
C SER E 84 16.60 -25.13 -9.04
N LYS E 85 16.50 -24.04 -9.81
CA LYS E 85 17.60 -23.27 -10.35
C LYS E 85 17.08 -21.84 -10.38
N VAL E 86 17.95 -20.86 -10.55
CA VAL E 86 17.53 -19.46 -10.64
C VAL E 86 17.74 -18.94 -12.07
N VAL E 87 16.86 -18.05 -12.53
CA VAL E 87 16.98 -17.44 -13.86
C VAL E 87 17.33 -15.94 -13.75
N TYR E 88 18.61 -15.64 -13.93
CA TYR E 88 19.19 -14.31 -13.75
C TYR E 88 19.20 -13.61 -15.10
N PHE E 89 18.52 -12.48 -15.25
CA PHE E 89 18.67 -11.69 -16.46
C PHE E 89 19.83 -10.71 -16.32
N THR E 90 20.89 -10.91 -17.11
CA THR E 90 22.08 -10.11 -16.89
C THR E 90 22.27 -8.99 -17.92
N GLY E 91 21.46 -9.00 -18.98
CA GLY E 91 21.59 -7.97 -20.00
C GLY E 91 20.33 -7.67 -20.80
N ILE E 92 20.20 -6.40 -21.19
CA ILE E 92 19.13 -5.98 -22.09
C ILE E 92 19.76 -5.12 -23.18
N ASP E 93 19.35 -5.34 -24.42
CA ASP E 93 19.89 -4.54 -25.51
C ASP E 93 18.88 -4.16 -26.59
N GLY E 94 19.19 -3.08 -27.29
CA GLY E 94 18.32 -2.53 -28.31
C GLY E 94 16.90 -2.43 -27.82
N ALA E 95 16.72 -1.92 -26.61
CA ALA E 95 15.39 -1.76 -26.05
C ALA E 95 14.78 -0.49 -26.58
N LYS E 96 13.60 -0.57 -27.14
CA LYS E 96 13.00 0.63 -27.69
C LYS E 96 11.55 0.70 -27.27
N PHE E 97 11.11 1.91 -26.90
CA PHE E 97 9.73 2.11 -26.49
C PHE E 97 9.00 2.94 -27.52
N ARG E 98 7.84 2.44 -27.95
CA ARG E 98 7.16 3.04 -29.09
C ARG E 98 6.01 3.90 -28.62
N ASN E 99 4.96 3.27 -28.09
CA ASN E 99 3.77 4.00 -27.71
C ASN E 99 3.48 3.79 -26.25
N PRO E 100 2.82 4.78 -25.62
CA PRO E 100 2.47 4.66 -24.23
C PRO E 100 1.48 3.52 -24.03
N VAL E 101 1.57 2.93 -22.85
CA VAL E 101 0.67 1.89 -22.41
C VAL E 101 -0.19 2.52 -21.30
N ARG E 102 -1.50 2.36 -21.41
CA ARG E 102 -2.43 3.07 -20.53
C ARG E 102 -3.43 2.15 -19.82
N PRO E 103 -3.97 2.60 -18.67
CA PRO E 103 -5.02 1.80 -18.04
C PRO E 103 -6.04 1.39 -19.07
N GLY E 104 -6.46 0.13 -19.03
CA GLY E 104 -7.43 -0.38 -19.94
C GLY E 104 -6.80 -1.23 -21.04
N ASP E 105 -5.49 -1.11 -21.21
CA ASP E 105 -4.76 -1.89 -22.20
C ASP E 105 -4.50 -3.31 -21.72
N ARG E 106 -4.63 -4.28 -22.62
CA ARG E 106 -4.05 -5.58 -22.35
C ARG E 106 -2.64 -5.57 -22.94
N LEU E 107 -1.64 -5.72 -22.07
CA LEU E 107 -0.24 -5.69 -22.51
C LEU E 107 0.25 -7.08 -22.88
N ASP E 108 0.36 -7.33 -24.18
CA ASP E 108 0.74 -8.64 -24.73
C ASP E 108 2.27 -8.82 -24.82
N TYR E 109 2.80 -9.86 -24.18
CA TYR E 109 4.23 -10.19 -24.23
C TYR E 109 4.50 -11.29 -25.24
N GLU E 110 5.59 -11.15 -25.99
CA GLU E 110 6.04 -12.22 -26.85
C GLU E 110 7.55 -12.39 -26.71
N SER E 112 10.72 -14.89 -27.91
CA SER E 112 11.30 -15.97 -28.67
C SER E 112 12.76 -16.15 -28.32
N VAL E 113 13.19 -17.40 -28.35
CA VAL E 113 14.59 -17.74 -28.13
C VAL E 113 15.36 -17.55 -29.42
N VAL E 114 16.34 -16.66 -29.41
CA VAL E 114 17.19 -16.47 -30.59
C VAL E 114 18.48 -17.30 -30.47
N LYS E 115 18.99 -17.44 -29.25
CA LYS E 115 20.14 -18.31 -28.98
C LYS E 115 19.93 -19.08 -27.69
N ASN E 116 20.46 -20.31 -27.66
CA ASN E 116 20.45 -21.15 -26.46
C ASN E 116 21.76 -21.88 -26.35
N ARG E 117 22.51 -21.62 -25.27
CA ARG E 117 23.86 -22.13 -25.14
C ARG E 117 24.09 -22.67 -23.73
N GLY E 118 24.04 -23.98 -23.53
CA GLY E 118 24.10 -24.52 -22.19
C GLY E 118 23.19 -23.71 -21.28
N ASN E 119 23.78 -22.99 -20.33
CA ASN E 119 23.00 -22.26 -19.35
C ASN E 119 22.74 -20.78 -19.72
N TRP E 121 20.69 -17.97 -22.30
CA TRP E 121 19.59 -17.79 -23.22
C TRP E 121 19.50 -16.35 -23.71
N ILE E 122 19.22 -16.20 -24.99
CA ILE E 122 19.02 -14.88 -25.59
C ILE E 122 17.64 -14.83 -26.23
N PHE E 123 16.85 -13.84 -25.83
CA PHE E 123 15.48 -13.74 -26.28
C PHE E 123 15.28 -12.53 -27.15
N LYS E 124 14.46 -12.65 -28.18
CA LYS E 124 13.86 -11.47 -28.78
C LYS E 124 12.52 -11.27 -28.10
N GLY E 125 12.33 -10.08 -27.55
CA GLY E 125 11.10 -9.77 -26.86
C GLY E 125 10.35 -8.60 -27.49
N GLN E 126 9.03 -8.72 -27.52
CA GLN E 126 8.16 -7.71 -28.10
C GLN E 126 6.94 -7.56 -27.21
N ALA E 127 6.45 -6.33 -27.05
CA ALA E 127 5.19 -6.15 -26.35
C ALA E 127 4.17 -5.45 -27.27
N PHE E 128 2.92 -5.88 -27.17
CA PHE E 128 1.84 -5.38 -28.01
C PHE E 128 0.65 -4.89 -27.21
N VAL E 129 -0.08 -3.94 -27.79
CA VAL E 129 -1.40 -3.55 -27.31
C VAL E 129 -2.27 -3.44 -28.56
N ASP E 130 -3.25 -4.35 -28.68
CA ASP E 130 -4.06 -4.48 -29.89
C ASP E 130 -3.27 -4.67 -31.15
N GLY E 131 -2.17 -5.41 -31.08
CA GLY E 131 -1.36 -5.65 -32.27
C GLY E 131 -0.45 -4.51 -32.67
N ASN E 132 -0.33 -3.52 -31.78
CA ASN E 132 0.60 -2.42 -31.97
C ASN E 132 1.82 -2.66 -31.13
N LEU E 133 2.97 -2.74 -31.79
CA LEU E 133 4.24 -2.83 -31.09
C LEU E 133 4.41 -1.64 -30.15
N VAL E 134 4.66 -1.90 -28.85
CA VAL E 134 4.80 -0.82 -27.89
C VAL E 134 6.22 -0.80 -27.30
N ALA E 135 6.84 -1.97 -27.27
CA ALA E 135 8.22 -2.10 -26.80
C ALA E 135 8.91 -3.34 -27.38
N GLU E 136 10.25 -3.29 -27.42
CA GLU E 136 11.03 -4.41 -27.89
C GLU E 136 12.43 -4.35 -27.33
N ALA E 137 13.05 -5.51 -27.20
CA ALA E 137 14.43 -5.62 -26.75
C ALA E 137 14.95 -7.04 -26.89
N GLU E 138 16.26 -7.17 -26.77
CA GLU E 138 16.96 -8.43 -26.74
C GLU E 138 17.35 -8.69 -25.28
N LEU E 139 16.91 -9.82 -24.73
CA LEU E 139 17.16 -10.10 -23.32
C LEU E 139 18.13 -11.25 -23.15
N LYS E 140 19.12 -11.03 -22.30
CA LYS E 140 20.19 -11.99 -22.02
C LYS E 140 19.96 -12.62 -20.63
N ALA E 141 19.87 -13.94 -20.55
CA ALA E 141 19.57 -14.62 -19.29
C ALA E 141 20.61 -15.68 -18.95
N ILE E 143 21.32 -18.94 -16.10
CA ILE E 143 20.51 -19.90 -15.35
C ILE E 143 21.39 -20.84 -14.53
N VAL E 144 21.41 -20.62 -13.22
CA VAL E 144 22.31 -21.31 -12.29
C VAL E 144 21.55 -21.99 -11.15
N ASP E 145 22.24 -22.85 -10.38
CA ASP E 145 21.62 -23.61 -9.29
C ASP E 145 21.12 -22.76 -8.11
N ILE F 2 20.73 18.85 -3.76
CA ILE F 2 19.39 19.17 -4.26
C ILE F 2 18.41 18.05 -3.85
N ASP F 3 17.49 18.37 -2.94
CA ASP F 3 16.67 17.38 -2.21
C ASP F 3 15.33 17.04 -2.90
N VAL F 4 14.51 16.16 -2.30
CA VAL F 4 13.36 15.63 -3.03
C VAL F 4 12.25 16.60 -3.30
N GLN F 6 12.58 19.64 -4.01
CA GLN F 6 13.03 20.32 -5.24
C GLN F 6 13.16 19.40 -6.49
N ILE F 7 13.57 18.15 -6.32
CA ILE F 7 13.49 17.21 -7.43
C ILE F 7 12.04 17.11 -7.96
N GLN F 8 11.06 17.06 -7.05
CA GLN F 8 9.64 16.97 -7.45
C GLN F 8 9.09 18.26 -8.06
N GLU F 9 9.80 19.37 -7.84
CA GLU F 9 9.54 20.61 -8.55
C GLU F 9 9.96 20.47 -10.02
N ILE F 10 10.82 19.51 -10.30
CA ILE F 10 11.45 19.40 -11.59
C ILE F 10 10.80 18.26 -12.37
N LEU F 11 10.76 17.08 -11.76
CA LEU F 11 10.19 15.87 -12.38
C LEU F 11 8.75 15.76 -11.97
N PRO F 12 7.90 15.24 -12.84
CA PRO F 12 6.53 14.98 -12.44
C PRO F 12 6.36 13.68 -11.64
N HIS F 13 7.41 12.87 -11.57
CA HIS F 13 7.36 11.59 -10.86
C HIS F 13 6.98 11.76 -9.39
N ARG F 14 6.18 10.83 -8.87
CA ARG F 14 5.86 10.86 -7.46
C ARG F 14 5.99 9.47 -6.89
N TYR F 15 5.98 9.39 -5.56
CA TYR F 15 5.82 8.12 -4.89
C TYR F 15 4.57 7.39 -5.42
N PRO F 16 4.67 6.08 -5.66
CA PRO F 16 5.78 5.16 -5.46
C PRO F 16 6.67 4.91 -6.67
N PHE F 17 6.82 5.91 -7.53
CA PHE F 17 7.74 5.75 -8.64
C PHE F 17 8.70 6.91 -8.79
N LEU F 18 9.08 7.49 -7.66
CA LEU F 18 10.16 8.49 -7.64
C LEU F 18 11.40 7.80 -7.16
N LEU F 19 12.37 7.54 -8.04
CA LEU F 19 13.53 6.71 -7.68
C LEU F 19 14.87 7.42 -7.43
N VAL F 20 14.81 8.73 -7.17
CA VAL F 20 15.99 9.50 -6.78
C VAL F 20 15.72 10.27 -5.49
N ASP F 21 16.58 10.10 -4.50
CA ASP F 21 16.36 10.74 -3.22
C ASP F 21 17.07 12.09 -3.19
N LYS F 22 18.16 12.20 -3.93
CA LYS F 22 18.96 13.41 -3.88
C LYS F 22 19.87 13.54 -5.10
N ILE F 23 20.03 14.77 -5.55
CA ILE F 23 21.02 15.07 -6.57
C ILE F 23 22.21 15.79 -5.93
N THR F 24 23.38 15.18 -6.02
CA THR F 24 24.57 15.70 -5.35
C THR F 24 25.39 16.67 -6.19
N GLU F 25 25.30 16.51 -7.50
CA GLU F 25 26.14 17.27 -8.40
C GLU F 25 25.47 17.40 -9.77
N LEU F 26 25.49 18.60 -10.32
CA LEU F 26 24.83 18.87 -11.59
C LEU F 26 25.61 19.90 -12.36
N LYS F 27 26.33 19.47 -13.40
CA LYS F 27 26.95 20.39 -14.35
C LYS F 27 26.15 20.42 -15.65
N VAL F 28 25.54 21.57 -15.95
CA VAL F 28 24.63 21.70 -17.11
C VAL F 28 25.22 21.17 -18.41
N LYS F 29 24.41 20.41 -19.14
CA LYS F 29 24.78 19.94 -20.48
C LYS F 29 25.91 18.91 -20.42
N GLU F 30 26.24 18.41 -19.23
CA GLU F 30 27.44 17.59 -19.08
C GLU F 30 27.27 16.34 -18.23
N VAL F 31 27.06 16.52 -16.93
CA VAL F 31 27.01 15.38 -16.03
C VAL F 31 26.06 15.63 -14.86
N VAL F 32 25.46 14.57 -14.34
CA VAL F 32 24.66 14.68 -13.14
C VAL F 32 24.92 13.46 -12.22
N LEU F 33 25.16 13.75 -10.94
CA LEU F 33 25.29 12.72 -9.91
C LEU F 33 24.16 12.82 -8.90
N GLY F 34 23.53 11.68 -8.62
CA GLY F 34 22.51 11.61 -7.59
C GLY F 34 22.39 10.18 -7.07
N TYR F 35 21.51 9.96 -6.09
CA TYR F 35 21.41 8.63 -5.49
C TYR F 35 20.04 8.28 -4.88
N LYS F 36 19.81 6.99 -4.68
CA LYS F 36 18.64 6.54 -3.93
C LYS F 36 19.10 5.65 -2.80
N ASN F 37 18.53 5.86 -1.63
CA ASN F 37 18.70 4.94 -0.52
C ASN F 37 17.84 3.71 -0.67
N ILE F 38 18.46 2.56 -0.49
CA ILE F 38 17.74 1.30 -0.60
C ILE F 38 17.48 0.73 0.82
N SER F 39 16.22 0.44 1.12
CA SER F 39 15.80 0.04 2.46
C SER F 39 14.78 -1.08 2.38
N ILE F 40 14.67 -1.93 3.41
CA ILE F 40 13.53 -2.89 3.42
C ILE F 40 12.20 -2.22 3.65
N SER F 41 12.22 -0.91 3.90
CA SER F 41 10.95 -0.24 4.04
C SER F 41 10.35 -0.02 2.64
N ASP F 42 11.07 -0.44 1.61
CA ASP F 42 10.65 -0.31 0.22
C ASP F 42 9.66 -1.45 -0.12
N HIS F 43 8.46 -1.13 -0.61
CA HIS F 43 7.47 -2.19 -0.90
C HIS F 43 7.96 -3.21 -1.94
N VAL F 44 8.92 -2.85 -2.80
CA VAL F 44 9.30 -3.82 -3.83
C VAL F 44 9.81 -5.11 -3.23
N PHE F 45 10.37 -5.05 -2.03
CA PHE F 45 11.02 -6.23 -1.48
C PHE F 45 10.01 -7.22 -0.98
N GLY F 47 7.81 -8.44 -2.68
CA GLY F 47 7.57 -9.38 -3.76
C GLY F 47 8.81 -9.68 -4.60
N HIS F 48 9.78 -8.76 -4.64
CA HIS F 48 11.03 -9.09 -5.32
C HIS F 48 11.91 -9.85 -4.36
N PHE F 49 11.27 -10.95 -3.95
CA PHE F 49 11.85 -12.13 -3.37
C PHE F 49 11.70 -12.14 -1.87
N PRO F 50 10.55 -12.69 -1.43
CA PRO F 50 10.28 -13.15 -0.08
C PRO F 50 11.47 -13.93 0.43
N GLY F 51 12.03 -13.47 1.56
CA GLY F 51 13.21 -14.10 2.14
C GLY F 51 14.50 -13.86 1.36
N HIS F 52 14.44 -13.00 0.35
CA HIS F 52 15.62 -12.71 -0.43
C HIS F 52 15.53 -11.35 -1.15
N PRO F 53 15.62 -10.26 -0.41
CA PRO F 53 15.45 -8.93 -1.00
C PRO F 53 16.54 -8.54 -2.00
N ILE F 54 16.14 -8.28 -3.24
CA ILE F 54 17.04 -7.83 -4.29
C ILE F 54 16.36 -6.68 -5.01
N TYR F 55 17.04 -5.56 -5.14
CA TYR F 55 16.47 -4.44 -5.91
C TYR F 55 16.41 -4.77 -7.40
N PRO F 56 15.22 -4.69 -8.01
CA PRO F 56 15.12 -5.09 -9.40
C PRO F 56 15.96 -4.25 -10.35
N GLY F 57 16.81 -4.93 -11.13
CA GLY F 57 17.66 -4.26 -12.10
C GLY F 57 16.93 -3.18 -12.90
N VAL F 58 15.74 -3.50 -13.40
CA VAL F 58 15.03 -2.55 -14.24
C VAL F 58 14.78 -1.21 -13.53
N LEU F 59 14.62 -1.24 -12.21
CA LEU F 59 14.43 0.02 -11.48
C LEU F 59 15.75 0.83 -11.42
N ILE F 60 16.88 0.16 -11.34
CA ILE F 60 18.12 0.90 -11.43
C ILE F 60 18.14 1.75 -12.71
N LEU F 61 17.83 1.14 -13.84
CA LEU F 61 17.68 1.88 -15.10
C LEU F 61 16.76 3.10 -14.96
N GLU F 62 15.59 2.90 -14.38
CA GLU F 62 14.63 3.95 -14.24
C GLU F 62 15.19 5.09 -13.37
N GLY F 63 15.97 4.75 -12.34
CA GLY F 63 16.56 5.79 -11.49
C GLY F 63 17.57 6.59 -12.27
N ALA F 65 17.51 7.00 -15.41
CA ALA F 65 16.73 7.79 -16.34
C ALA F 65 16.19 9.05 -15.68
N GLN F 66 15.79 8.93 -14.41
CA GLN F 66 15.14 10.05 -13.76
C GLN F 66 16.15 11.15 -13.44
N THR F 67 17.33 10.74 -13.02
CA THR F 67 18.47 11.62 -12.82
C THR F 67 18.81 12.39 -14.09
N GLY F 68 18.86 11.65 -15.19
CA GLY F 68 19.12 12.26 -16.49
C GLY F 68 18.02 13.23 -16.85
N GLY F 69 16.82 12.92 -16.40
CA GLY F 69 15.69 13.81 -16.64
C GLY F 69 15.99 15.17 -16.07
N VAL F 70 16.48 15.17 -14.84
CA VAL F 70 16.72 16.41 -14.13
C VAL F 70 17.76 17.22 -14.85
N LEU F 71 18.84 16.57 -15.26
CA LEU F 71 19.88 17.26 -16.03
C LEU F 71 19.28 17.87 -17.28
N ALA F 72 18.49 17.08 -18.00
CA ALA F 72 17.86 17.55 -19.23
C ALA F 72 17.06 18.82 -18.97
N PHE F 73 16.14 18.70 -18.03
CA PHE F 73 15.24 19.78 -17.66
C PHE F 73 16.01 21.01 -17.17
N GLU F 74 17.05 20.80 -16.38
CA GLU F 74 17.72 21.94 -15.78
C GLU F 74 18.76 22.51 -16.74
N SER F 75 18.51 22.39 -18.05
CA SER F 75 19.49 22.75 -19.06
C SER F 75 18.88 23.50 -20.24
N GLU F 77 17.75 26.99 -21.40
CA GLU F 77 17.89 28.42 -21.13
C GLU F 77 16.80 28.97 -20.21
N LYS F 83 11.05 24.35 -17.58
CA LYS F 83 9.62 24.66 -17.71
C LYS F 83 8.76 23.46 -18.17
N SER F 84 7.80 23.72 -19.05
CA SER F 84 6.94 22.63 -19.56
C SER F 84 7.20 22.15 -20.98
N LYS F 85 8.11 21.20 -21.03
CA LYS F 85 8.26 20.24 -22.08
C LYS F 85 8.18 18.91 -21.30
N VAL F 86 8.36 17.80 -21.98
CA VAL F 86 8.49 16.51 -21.29
C VAL F 86 9.74 15.77 -21.78
N VAL F 87 10.32 14.93 -20.93
CA VAL F 87 11.52 14.18 -21.31
C VAL F 87 11.21 12.71 -21.43
N TYR F 88 11.14 12.24 -22.66
CA TYR F 88 10.67 10.92 -22.99
C TYR F 88 11.91 10.10 -23.29
N PHE F 89 12.12 9.02 -22.55
CA PHE F 89 13.24 8.13 -22.85
C PHE F 89 12.82 7.04 -23.83
N THR F 90 13.34 7.08 -25.05
CA THR F 90 12.85 6.18 -26.08
C THR F 90 13.71 4.94 -26.31
N GLY F 91 14.88 4.92 -25.69
CA GLY F 91 15.78 3.80 -25.88
C GLY F 91 16.79 3.55 -24.80
N ILE F 92 17.12 2.28 -24.61
CA ILE F 92 18.22 1.87 -23.75
C ILE F 92 19.06 0.83 -24.48
N ASP F 93 20.37 0.94 -24.34
CA ASP F 93 21.32 0.09 -25.04
C ASP F 93 22.47 -0.37 -24.17
N GLY F 94 23.00 -1.54 -24.50
CA GLY F 94 24.12 -2.12 -23.79
C GLY F 94 23.94 -2.06 -22.29
N ALA F 95 22.74 -2.37 -21.83
CA ALA F 95 22.45 -2.38 -20.40
C ALA F 95 23.01 -3.66 -19.78
N LYS F 96 23.75 -3.51 -18.69
CA LYS F 96 24.45 -4.63 -18.08
C LYS F 96 24.25 -4.56 -16.59
N PHE F 97 23.85 -5.68 -15.98
CA PHE F 97 23.73 -5.80 -14.52
C PHE F 97 24.87 -6.63 -13.95
N ARG F 98 25.58 -6.04 -13.00
CA ARG F 98 26.80 -6.65 -12.50
C ARG F 98 26.52 -7.34 -11.17
N ASN F 99 26.23 -6.58 -10.11
CA ASN F 99 25.97 -7.20 -8.81
C ASN F 99 24.66 -6.78 -8.20
N PRO F 100 24.13 -7.65 -7.35
CA PRO F 100 22.89 -7.44 -6.61
C PRO F 100 22.95 -6.15 -5.81
N VAL F 101 21.83 -5.46 -5.75
CA VAL F 101 21.67 -4.28 -4.93
C VAL F 101 20.72 -4.73 -3.82
N ARG F 102 21.07 -4.42 -2.57
CA ARG F 102 20.38 -4.98 -1.41
C ARG F 102 19.98 -3.92 -0.41
N PRO F 103 19.01 -4.23 0.44
CA PRO F 103 18.61 -3.25 1.45
C PRO F 103 19.86 -2.82 2.23
N GLY F 104 19.98 -1.52 2.49
CA GLY F 104 21.12 -0.99 3.19
C GLY F 104 22.11 -0.32 2.27
N ASP F 105 22.01 -0.58 0.97
CA ASP F 105 22.93 0.02 0.02
C ASP F 105 22.53 1.43 -0.37
N ARG F 106 23.52 2.31 -0.50
CA ARG F 106 23.22 3.56 -1.15
C ARG F 106 23.50 3.36 -2.65
N LEU F 107 22.47 3.55 -3.46
CA LEU F 107 22.58 3.31 -4.90
C LEU F 107 22.93 4.61 -5.61
N ASP F 108 24.18 4.75 -6.01
CA ASP F 108 24.69 5.97 -6.65
C ASP F 108 24.53 5.99 -8.19
N TYR F 109 23.82 6.99 -8.71
CA TYR F 109 23.75 7.17 -10.16
C TYR F 109 24.76 8.16 -10.75
N GLU F 110 25.26 7.83 -11.93
CA GLU F 110 26.12 8.74 -12.68
C GLU F 110 25.57 8.79 -14.09
N SER F 112 26.28 10.84 -17.71
CA SER F 112 27.03 11.79 -18.48
C SER F 112 26.45 11.87 -19.89
N VAL F 113 26.48 13.07 -20.47
CA VAL F 113 25.97 13.27 -21.81
C VAL F 113 27.06 12.89 -22.78
N VAL F 114 26.77 11.95 -23.66
CA VAL F 114 27.73 11.59 -24.71
C VAL F 114 27.42 12.31 -26.01
N LYS F 115 26.14 12.50 -26.30
CA LYS F 115 25.73 13.31 -27.45
C LYS F 115 24.51 14.18 -27.12
N ASN F 116 24.46 15.36 -27.73
CA ASN F 116 23.32 16.24 -27.61
C ASN F 116 23.06 16.90 -28.95
N ARG F 117 21.89 16.68 -29.53
CA ARG F 117 21.56 17.38 -30.77
C ARG F 117 20.12 17.84 -30.81
N GLY F 118 19.96 19.15 -30.84
CA GLY F 118 18.65 19.76 -30.67
C GLY F 118 17.94 19.11 -29.49
N ASN F 119 16.85 18.43 -29.76
CA ASN F 119 16.07 17.86 -28.68
C ASN F 119 16.34 16.38 -28.41
N TRP F 121 19.02 13.56 -26.65
CA TRP F 121 20.08 13.38 -25.67
C TRP F 121 20.50 11.93 -25.59
N ILE F 122 21.80 11.68 -25.56
CA ILE F 122 22.29 10.34 -25.32
C ILE F 122 23.21 10.35 -24.11
N PHE F 123 22.91 9.47 -23.15
CA PHE F 123 23.61 9.41 -21.88
C PHE F 123 24.38 8.12 -21.70
N LYS F 124 25.58 8.24 -21.14
CA LYS F 124 26.27 7.10 -20.57
C LYS F 124 25.90 7.08 -19.11
N GLY F 125 25.32 5.98 -18.66
CA GLY F 125 24.83 5.86 -17.29
C GLY F 125 25.46 4.71 -16.55
N GLN F 126 25.73 4.93 -15.26
CA GLN F 126 26.32 3.90 -14.40
C GLN F 126 25.74 4.03 -13.01
N ALA F 127 25.63 2.89 -12.34
CA ALA F 127 25.13 2.83 -10.99
C ALA F 127 26.17 2.17 -10.12
N PHE F 128 26.37 2.70 -8.92
CA PHE F 128 27.39 2.16 -8.02
C PHE F 128 26.88 1.96 -6.60
N VAL F 129 27.50 1.02 -5.90
CA VAL F 129 27.32 0.86 -4.47
C VAL F 129 28.72 0.71 -3.89
N ASP F 130 29.11 1.66 -3.04
CA ASP F 130 30.47 1.71 -2.52
C ASP F 130 31.57 1.68 -3.56
N GLY F 131 31.34 2.32 -4.71
CA GLY F 131 32.37 2.38 -5.74
C GLY F 131 32.44 1.12 -6.58
N ASN F 132 31.45 0.26 -6.43
CA ASN F 132 31.38 -0.96 -7.19
C ASN F 132 30.30 -0.81 -8.27
N LEU F 133 30.70 -0.93 -9.54
CA LEU F 133 29.74 -0.84 -10.66
C LEU F 133 28.68 -1.92 -10.48
N VAL F 134 27.40 -1.55 -10.52
CA VAL F 134 26.38 -2.56 -10.39
C VAL F 134 25.51 -2.61 -11.63
N ALA F 135 25.43 -1.49 -12.34
CA ALA F 135 24.67 -1.42 -13.58
C ALA F 135 25.23 -0.36 -14.54
N GLU F 136 25.01 -0.56 -15.83
CA GLU F 136 25.39 0.44 -16.80
C GLU F 136 24.57 0.32 -18.08
N ALA F 137 24.46 1.41 -18.81
CA ALA F 137 23.66 1.43 -20.02
C ALA F 137 23.83 2.76 -20.72
N GLU F 138 23.54 2.79 -22.02
CA GLU F 138 23.34 4.11 -22.63
C GLU F 138 21.87 4.40 -22.88
N LEU F 139 21.46 5.61 -22.52
CA LEU F 139 20.06 5.97 -22.50
C LEU F 139 19.81 7.03 -23.56
N LYS F 140 18.76 6.83 -24.36
CA LYS F 140 18.38 7.79 -25.40
C LYS F 140 17.13 8.55 -24.94
N ALA F 141 17.14 9.88 -25.03
CA ALA F 141 16.00 10.69 -24.62
C ALA F 141 15.57 11.74 -25.65
N ILE F 143 12.42 15.28 -26.25
CA ILE F 143 11.82 16.49 -25.67
C ILE F 143 10.56 16.87 -26.45
N VAL F 144 9.57 17.44 -25.77
CA VAL F 144 8.25 17.75 -26.37
C VAL F 144 7.98 19.25 -26.50
#